data_4AMB
#
_entry.id   4AMB
#
_cell.length_a   64.911
_cell.length_b   170.955
_cell.length_c   69.427
_cell.angle_alpha   90.00
_cell.angle_beta   90.00
_cell.angle_gamma   90.00
#
_symmetry.space_group_name_H-M   'P 21 21 2'
#
loop_
_entity.id
_entity.type
_entity.pdbx_description
1 polymer SNOGD
2 non-polymer "DEOXYURIDINE-5'-DIPHOSPHATE"
3 water water
#
_entity_poly.entity_id   1
_entity_poly.type   'polypeptide(L)'
_entity_poly.pdbx_seq_one_letter_code
;MHHHHHHSSGVDLGTENLYFQSMRALFITSPGLSHILPTVPLAQALRALGHEVRYATGGDIRAVAEAGLCAVDVSPGVNY
AKLFVPDDTDVTDPMHSEGLGEGFFAEMFARVSAVAVDGALRTARSWRPDLVVHTPTQGAGPLTAAALQLPCVELPLGPA
DSEPGLGALIRRAMSKDYERHGVTGEPTGSVRLTTTPPSVEALLPEDRRSPGAWPMRYVPYNGGAVLPDWLPPAAGRRRI
AVTLGSIDALSGGIAKLAPLFSEVADVDAEFVLTLGGGDLALLGELPANVRVVEWIPLGALLETCDAIIHHGGSGTLLTA
LAAGVPQCVIPHGSYQDTNRDVLTGLGIGFDAEAGSLGAEQCRRLLDDAGLREAALRVRQEMSEMPPPAETAAKLVALAG
;
_entity_poly.pdbx_strand_id   A,B
#
loop_
_chem_comp.id
_chem_comp.type
_chem_comp.name
_chem_comp.formula
DUD non-polymer DEOXYURIDINE-5'-DIPHOSPHATE 'C9 H14 N2 O11 P2'
#
# COMPACT_ATOMS: atom_id res chain seq x y z
N SER A 22 -8.40 -3.80 -17.91
CA SER A 22 -8.28 -4.00 -16.45
C SER A 22 -9.61 -4.48 -15.87
N MET A 23 -9.52 -5.51 -15.06
CA MET A 23 -10.66 -5.94 -14.23
C MET A 23 -10.85 -4.92 -13.11
N ARG A 24 -12.10 -4.72 -12.72
CA ARG A 24 -12.43 -3.79 -11.63
C ARG A 24 -13.09 -4.45 -10.44
N ALA A 25 -12.44 -4.27 -9.30
CA ALA A 25 -12.85 -4.84 -8.03
C ALA A 25 -13.30 -3.81 -6.99
N LEU A 26 -14.57 -3.90 -6.64
CA LEU A 26 -15.17 -3.05 -5.61
C LEU A 26 -15.20 -3.77 -4.26
N PHE A 27 -14.43 -3.22 -3.34
CA PHE A 27 -14.32 -3.70 -1.95
C PHE A 27 -15.29 -3.01 -1.00
N ILE A 28 -16.35 -3.71 -0.66
CA ILE A 28 -17.37 -3.15 0.24
C ILE A 28 -17.25 -3.74 1.63
N THR A 29 -16.66 -2.97 2.52
CA THR A 29 -16.30 -3.45 3.86
C THR A 29 -17.02 -2.78 5.01
N SER A 30 -17.02 -3.50 6.13
CA SER A 30 -17.48 -2.98 7.44
C SER A 30 -16.64 -1.78 7.83
N PRO A 31 -17.22 -0.84 8.57
CA PRO A 31 -16.52 0.40 8.84
C PRO A 31 -15.34 0.22 9.75
N GLY A 32 -15.31 -0.91 10.44
CA GLY A 32 -14.26 -1.22 11.46
C GLY A 32 -12.89 -1.62 10.96
N LEU A 33 -11.90 -0.95 11.53
CA LEU A 33 -10.45 -1.14 11.22
C LEU A 33 -10.05 -2.60 10.99
N SER A 34 -10.48 -3.46 11.90
CA SER A 34 -10.05 -4.89 11.93
C SER A 34 -10.68 -5.75 10.84
N HIS A 35 -11.75 -5.23 10.28
CA HIS A 35 -12.43 -5.88 9.14
C HIS A 35 -11.82 -5.44 7.84
N ILE A 36 -11.28 -4.24 7.87
CA ILE A 36 -10.66 -3.61 6.67
C ILE A 36 -9.27 -4.20 6.40
N LEU A 37 -8.43 -4.12 7.43
CA LEU A 37 -6.97 -4.49 7.37
C LEU A 37 -6.66 -5.80 6.63
N PRO A 38 -7.36 -6.90 6.97
CA PRO A 38 -7.04 -8.18 6.33
C PRO A 38 -7.52 -8.32 4.90
N THR A 39 -8.17 -7.29 4.40
CA THR A 39 -8.59 -7.27 2.98
C THR A 39 -7.54 -6.64 2.09
N VAL A 40 -6.65 -5.91 2.72
CA VAL A 40 -5.61 -5.13 2.00
C VAL A 40 -4.69 -6.00 1.11
N PRO A 41 -4.08 -7.05 1.67
CA PRO A 41 -3.28 -7.97 0.86
C PRO A 41 -3.90 -8.34 -0.47
N LEU A 42 -5.16 -8.76 -0.42
CA LEU A 42 -5.93 -9.09 -1.65
C LEU A 42 -6.02 -7.92 -2.65
N ALA A 43 -6.37 -6.77 -2.12
CA ALA A 43 -6.58 -5.53 -2.93
C ALA A 43 -5.27 -5.14 -3.60
N GLN A 44 -4.28 -5.13 -2.73
CA GLN A 44 -2.87 -4.89 -3.06
C GLN A 44 -2.41 -5.86 -4.16
N ALA A 45 -2.79 -7.11 -3.98
CA ALA A 45 -2.44 -8.20 -4.91
C ALA A 45 -3.02 -7.96 -6.30
N LEU A 46 -4.27 -7.53 -6.32
CA LEU A 46 -4.97 -7.23 -7.58
C LEU A 46 -4.33 -6.06 -8.31
N ARG A 47 -4.02 -5.01 -7.58
CA ARG A 47 -3.36 -3.85 -8.18
C ARG A 47 -2.03 -4.30 -8.81
N ALA A 48 -1.37 -5.23 -8.13
CA ALA A 48 -0.08 -5.79 -8.55
C ALA A 48 -0.15 -6.57 -9.87
N LEU A 49 -1.29 -7.21 -10.06
CA LEU A 49 -1.65 -7.87 -11.35
C LEU A 49 -2.03 -6.89 -12.48
N GLY A 50 -2.08 -5.61 -12.15
CA GLY A 50 -2.39 -4.56 -13.15
C GLY A 50 -3.86 -4.22 -13.28
N HIS A 51 -4.63 -4.72 -12.30
CA HIS A 51 -6.06 -4.44 -12.22
C HIS A 51 -6.40 -3.30 -11.30
N GLU A 52 -7.68 -3.01 -11.23
CA GLU A 52 -8.18 -1.85 -10.49
C GLU A 52 -9.02 -2.18 -9.29
N VAL A 53 -8.62 -1.50 -8.23
CA VAL A 53 -9.19 -1.71 -6.92
C VAL A 53 -9.71 -0.41 -6.38
N ARG A 54 -10.94 -0.46 -5.92
CA ARG A 54 -11.55 0.63 -5.19
C ARG A 54 -12.37 0.14 -3.99
N TYR A 55 -12.23 0.86 -2.90
CA TYR A 55 -13.01 0.58 -1.68
C TYR A 55 -14.23 1.45 -1.60
N ALA A 56 -15.22 0.88 -0.94
CA ALA A 56 -16.52 1.54 -0.69
C ALA A 56 -16.98 1.24 0.72
N THR A 57 -16.64 2.15 1.62
CA THR A 57 -16.87 1.95 3.06
C THR A 57 -17.00 3.26 3.82
N GLY A 58 -16.98 3.13 5.13
CA GLY A 58 -17.01 4.29 6.02
C GLY A 58 -16.21 4.03 7.29
N GLY A 59 -16.40 4.88 8.28
CA GLY A 59 -15.75 4.72 9.58
C GLY A 59 -14.24 4.80 9.56
N ASP A 60 -13.59 3.64 9.56
CA ASP A 60 -12.11 3.58 9.64
C ASP A 60 -11.47 3.51 8.25
N ILE A 61 -12.16 4.19 7.36
CA ILE A 61 -11.89 4.24 5.92
C ILE A 61 -10.48 4.71 5.57
N ARG A 62 -9.98 5.61 6.41
CA ARG A 62 -8.67 6.25 6.20
C ARG A 62 -7.53 5.25 6.16
N ALA A 63 -7.80 4.09 6.76
CA ALA A 63 -6.83 2.96 6.78
C ALA A 63 -6.59 2.43 5.38
N VAL A 64 -7.61 2.58 4.54
CA VAL A 64 -7.52 2.17 3.13
C VAL A 64 -6.52 3.07 2.42
N ALA A 65 -6.68 4.36 2.67
CA ALA A 65 -5.81 5.41 2.08
C ALA A 65 -4.35 5.23 2.51
N GLU A 66 -4.20 4.82 3.76
CA GLU A 66 -2.86 4.66 4.38
C GLU A 66 -2.17 3.39 3.91
N ALA A 67 -2.91 2.60 3.14
CA ALA A 67 -2.44 1.33 2.58
C ALA A 67 -2.07 1.45 1.12
N GLY A 68 -2.06 2.69 0.65
CA GLY A 68 -1.79 3.03 -0.77
C GLY A 68 -2.94 2.79 -1.75
N LEU A 69 -4.14 2.63 -1.22
CA LEU A 69 -5.34 2.38 -2.03
C LEU A 69 -6.36 3.52 -2.00
N CYS A 70 -7.33 3.40 -2.90
CA CYS A 70 -8.43 4.41 -3.03
C CYS A 70 -9.78 3.97 -2.52
N ALA A 71 -10.39 4.89 -1.80
CA ALA A 71 -11.66 4.65 -1.14
C ALA A 71 -12.70 5.74 -1.33
N VAL A 72 -13.94 5.30 -1.41
CA VAL A 72 -15.09 6.23 -1.40
C VAL A 72 -15.91 6.11 -0.11
N ASP A 73 -16.05 7.24 0.58
CA ASP A 73 -16.88 7.33 1.80
C ASP A 73 -18.37 7.23 1.46
N VAL A 74 -18.95 6.09 1.78
CA VAL A 74 -20.38 5.81 1.47
C VAL A 74 -21.35 6.30 2.55
N SER A 75 -20.79 6.84 3.63
CA SER A 75 -21.60 7.28 4.77
C SER A 75 -21.03 8.47 5.55
N PRO A 76 -20.82 9.59 4.87
CA PRO A 76 -20.15 10.71 5.51
C PRO A 76 -21.01 11.36 6.56
N GLY A 77 -20.38 11.59 7.70
CA GLY A 77 -21.00 12.28 8.84
C GLY A 77 -21.67 11.33 9.81
N VAL A 78 -21.96 10.14 9.31
CA VAL A 78 -22.69 9.13 10.10
C VAL A 78 -21.94 8.72 11.37
N ASN A 79 -22.65 8.82 12.48
CA ASN A 79 -22.16 8.40 13.83
C ASN A 79 -22.49 6.95 14.11
N TYR A 80 -21.46 6.13 13.94
CA TYR A 80 -21.61 4.65 13.98
C TYR A 80 -21.97 4.10 15.34
N ALA A 81 -21.41 4.73 16.36
CA ALA A 81 -21.56 4.31 17.77
C ALA A 81 -23.04 4.26 18.15
N LYS A 82 -23.73 5.29 17.72
CA LYS A 82 -25.17 5.46 17.99
C LYS A 82 -25.96 4.40 17.24
N LEU A 83 -25.40 4.08 16.09
CA LEU A 83 -25.98 3.09 15.17
C LEU A 83 -25.90 1.67 15.68
N PHE A 84 -24.74 1.33 16.24
CA PHE A 84 -24.50 -0.04 16.80
C PHE A 84 -25.39 -0.30 18.00
N VAL A 85 -25.37 0.67 18.91
CA VAL A 85 -26.20 0.66 20.12
C VAL A 85 -27.24 1.79 20.04
N PRO A 86 -28.56 1.47 20.00
CA PRO A 86 -29.47 2.58 19.81
C PRO A 86 -30.03 3.07 21.14
N PRO A 94 -34.53 -10.13 29.96
CA PRO A 94 -33.86 -11.12 29.14
C PRO A 94 -34.14 -12.54 29.60
N MET A 95 -34.44 -12.67 30.88
CA MET A 95 -34.86 -13.96 31.45
C MET A 95 -36.04 -14.52 30.67
N HIS A 96 -36.84 -13.60 30.16
CA HIS A 96 -38.10 -13.96 29.49
C HIS A 96 -38.07 -13.75 28.01
N SER A 97 -37.15 -12.89 27.60
CA SER A 97 -37.07 -12.43 26.22
C SER A 97 -36.62 -13.50 25.23
N GLU A 98 -37.35 -13.57 24.13
CA GLU A 98 -36.98 -14.44 23.01
C GLU A 98 -35.98 -13.68 22.15
N GLY A 99 -35.53 -14.36 21.11
CA GLY A 99 -34.61 -13.77 20.12
C GLY A 99 -33.27 -13.35 20.70
N LEU A 100 -32.87 -14.08 21.74
CA LEU A 100 -31.51 -13.97 22.32
C LEU A 100 -30.58 -14.90 21.53
N GLY A 101 -30.36 -14.49 20.29
CA GLY A 101 -29.61 -15.28 19.30
C GLY A 101 -28.90 -14.50 18.22
N GLU A 102 -28.61 -15.20 17.13
CA GLU A 102 -27.95 -14.60 15.95
C GLU A 102 -28.80 -13.45 15.39
N GLY A 103 -30.10 -13.63 15.50
CA GLY A 103 -31.09 -12.64 15.02
C GLY A 103 -30.88 -11.23 15.55
N PHE A 104 -30.39 -11.14 16.77
CA PHE A 104 -30.14 -9.85 17.44
C PHE A 104 -28.98 -9.11 16.75
N PHE A 105 -27.93 -9.89 16.53
CA PHE A 105 -26.70 -9.41 15.86
C PHE A 105 -26.87 -9.16 14.35
N ALA A 106 -27.66 -10.00 13.73
CA ALA A 106 -28.01 -9.86 12.30
C ALA A 106 -28.72 -8.53 12.10
N GLU A 107 -29.68 -8.29 12.98
CA GLU A 107 -30.46 -7.03 13.00
C GLU A 107 -29.55 -5.82 13.16
N MET A 108 -28.63 -5.97 14.11
CA MET A 108 -27.63 -4.92 14.47
C MET A 108 -26.71 -4.58 13.27
N PHE A 109 -26.26 -5.63 12.62
CA PHE A 109 -25.34 -5.53 11.44
C PHE A 109 -26.06 -4.98 10.21
N ALA A 110 -27.36 -5.22 10.17
CA ALA A 110 -28.25 -4.72 9.11
C ALA A 110 -28.43 -3.20 9.17
N ARG A 111 -28.58 -2.72 10.40
CA ARG A 111 -28.73 -1.27 10.70
C ARG A 111 -27.46 -0.51 10.32
N VAL A 112 -26.34 -1.18 10.57
CA VAL A 112 -25.01 -0.60 10.31
C VAL A 112 -24.71 -0.65 8.81
N SER A 113 -25.11 -1.74 8.18
CA SER A 113 -24.93 -1.90 6.72
C SER A 113 -25.82 -0.93 5.96
N ALA A 114 -27.03 -0.77 6.49
CA ALA A 114 -28.10 0.06 5.88
C ALA A 114 -27.59 1.40 5.38
N VAL A 115 -26.83 2.06 6.25
CA VAL A 115 -26.26 3.40 6.00
C VAL A 115 -25.15 3.46 4.94
N ALA A 116 -24.80 2.29 4.41
CA ALA A 116 -23.80 2.16 3.32
C ALA A 116 -24.42 1.85 1.95
N VAL A 117 -25.66 1.39 1.98
CA VAL A 117 -26.31 0.83 0.77
C VAL A 117 -26.35 1.80 -0.42
N ASP A 118 -26.97 2.96 -0.17
CA ASP A 118 -27.15 4.01 -1.21
C ASP A 118 -25.83 4.40 -1.84
N GLY A 119 -24.83 4.50 -0.98
CA GLY A 119 -23.48 4.96 -1.37
C GLY A 119 -22.77 3.93 -2.22
N ALA A 120 -22.82 2.71 -1.70
CA ALA A 120 -22.23 1.54 -2.36
C ALA A 120 -22.78 1.38 -3.76
N LEU A 121 -24.08 1.66 -3.88
CA LEU A 121 -24.83 1.48 -5.15
C LEU A 121 -24.46 2.52 -6.20
N ARG A 122 -24.43 3.77 -5.77
CA ARG A 122 -24.01 4.89 -6.65
C ARG A 122 -22.61 4.68 -7.22
N THR A 123 -21.72 4.24 -6.32
CA THR A 123 -20.32 3.98 -6.67
C THR A 123 -20.18 2.85 -7.67
N ALA A 124 -20.87 1.76 -7.38
CA ALA A 124 -20.91 0.59 -8.26
C ALA A 124 -21.46 0.94 -9.66
N ARG A 125 -22.46 1.80 -9.68
CA ARG A 125 -23.11 2.18 -10.95
C ARG A 125 -22.22 3.05 -11.81
N SER A 126 -21.56 4.00 -11.17
CA SER A 126 -20.67 4.94 -11.89
C SER A 126 -19.33 4.32 -12.23
N TRP A 127 -18.78 3.61 -11.26
CA TRP A 127 -17.44 2.99 -11.37
C TRP A 127 -17.44 1.68 -12.10
N ARG A 128 -18.56 0.98 -12.02
CA ARG A 128 -18.81 -0.25 -12.82
C ARG A 128 -17.86 -1.40 -12.55
N PRO A 129 -17.90 -2.00 -11.35
CA PRO A 129 -17.01 -3.10 -11.11
C PRO A 129 -17.45 -4.38 -11.76
N ASP A 130 -16.50 -5.28 -11.90
CA ASP A 130 -16.73 -6.65 -12.42
C ASP A 130 -16.93 -7.66 -11.29
N LEU A 131 -16.54 -7.24 -10.11
CA LEU A 131 -16.42 -8.13 -8.96
C LEU A 131 -16.57 -7.36 -7.66
N VAL A 132 -17.42 -7.89 -6.80
CA VAL A 132 -17.59 -7.35 -5.45
C VAL A 132 -16.86 -8.19 -4.41
N VAL A 133 -16.02 -7.54 -3.64
CA VAL A 133 -15.41 -8.20 -2.49
C VAL A 133 -16.08 -7.65 -1.24
N HIS A 134 -16.48 -8.54 -0.38
CA HIS A 134 -17.05 -8.12 0.91
C HIS A 134 -16.58 -8.86 2.12
N THR A 135 -16.83 -8.23 3.25
CA THR A 135 -16.58 -8.80 4.58
C THR A 135 -17.91 -9.35 5.10
N PRO A 136 -17.89 -10.36 5.96
CA PRO A 136 -19.08 -11.14 6.29
C PRO A 136 -20.27 -10.42 6.88
N THR A 137 -20.01 -9.40 7.70
CA THR A 137 -21.10 -8.63 8.38
C THR A 137 -21.64 -7.44 7.58
N GLN A 138 -20.92 -7.11 6.52
CA GLN A 138 -21.26 -5.98 5.63
C GLN A 138 -22.30 -6.42 4.61
N GLY A 139 -23.54 -6.08 4.91
CA GLY A 139 -24.70 -6.49 4.10
C GLY A 139 -24.85 -5.73 2.81
N ALA A 140 -24.18 -4.59 2.74
CA ALA A 140 -24.20 -3.71 1.55
C ALA A 140 -23.50 -4.37 0.37
N GLY A 141 -22.61 -5.28 0.71
CA GLY A 141 -21.79 -6.02 -0.28
C GLY A 141 -22.56 -6.97 -1.21
N PRO A 142 -23.26 -7.97 -0.64
CA PRO A 142 -24.04 -8.88 -1.46
C PRO A 142 -25.24 -8.22 -2.11
N LEU A 143 -25.78 -7.23 -1.41
CA LEU A 143 -26.89 -6.40 -1.94
C LEU A 143 -26.47 -5.79 -3.28
N THR A 144 -25.30 -5.18 -3.24
CA THR A 144 -24.70 -4.46 -4.39
C THR A 144 -24.38 -5.41 -5.53
N ALA A 145 -23.84 -6.56 -5.16
CA ALA A 145 -23.44 -7.62 -6.12
C ALA A 145 -24.68 -8.20 -6.81
N ALA A 146 -25.75 -8.28 -6.05
CA ALA A 146 -27.03 -8.83 -6.52
C ALA A 146 -27.71 -7.85 -7.48
N ALA A 147 -27.74 -6.61 -7.03
CA ALA A 147 -28.28 -5.48 -7.82
C ALA A 147 -27.66 -5.39 -9.20
N LEU A 148 -26.35 -5.52 -9.24
CA LEU A 148 -25.56 -5.38 -10.51
C LEU A 148 -25.21 -6.70 -11.19
N GLN A 149 -25.74 -7.78 -10.64
CA GLN A 149 -25.53 -9.14 -11.16
C GLN A 149 -24.04 -9.44 -11.36
N LEU A 150 -23.29 -9.20 -10.29
CA LEU A 150 -21.84 -9.49 -10.23
C LEU A 150 -21.55 -10.61 -9.23
N PRO A 151 -20.42 -11.31 -9.39
CA PRO A 151 -20.05 -12.25 -8.38
C PRO A 151 -19.54 -11.54 -7.17
N CYS A 152 -19.67 -12.19 -6.04
CA CYS A 152 -19.05 -11.67 -4.83
C CYS A 152 -18.15 -12.66 -4.13
N VAL A 153 -17.16 -12.06 -3.46
CA VAL A 153 -16.12 -12.78 -2.73
C VAL A 153 -16.18 -12.38 -1.27
N GLU A 154 -16.42 -13.38 -0.42
CA GLU A 154 -16.41 -13.15 1.03
C GLU A 154 -14.98 -13.31 1.55
N LEU A 155 -14.50 -12.25 2.19
CA LEU A 155 -13.15 -12.21 2.81
C LEU A 155 -13.26 -11.97 4.31
N PRO A 156 -13.11 -13.03 5.13
CA PRO A 156 -13.25 -12.89 6.56
C PRO A 156 -11.95 -12.53 7.25
N LEU A 157 -12.09 -11.95 8.44
CA LEU A 157 -10.90 -11.46 9.21
C LEU A 157 -10.09 -12.59 9.85
N GLY A 158 -10.71 -13.74 9.94
CA GLY A 158 -10.15 -14.93 10.60
C GLY A 158 -11.16 -15.91 11.16
N PRO A 159 -10.69 -16.94 11.90
CA PRO A 159 -11.56 -18.04 12.36
C PRO A 159 -12.83 -17.59 13.08
N ALA A 160 -12.72 -16.50 13.82
CA ALA A 160 -13.84 -15.95 14.64
C ALA A 160 -15.03 -15.50 13.82
N ASP A 161 -14.71 -15.08 12.60
CA ASP A 161 -15.63 -14.41 11.66
C ASP A 161 -16.46 -15.42 10.87
N SER A 162 -16.69 -16.57 11.48
CA SER A 162 -17.41 -17.68 10.81
C SER A 162 -18.68 -18.08 11.54
N GLU A 163 -19.55 -17.09 11.71
CA GLU A 163 -20.85 -17.28 12.37
C GLU A 163 -21.80 -17.94 11.38
N PRO A 164 -22.37 -19.10 11.77
CA PRO A 164 -23.20 -19.85 10.85
C PRO A 164 -24.54 -19.21 10.51
N GLY A 165 -24.75 -19.08 9.21
CA GLY A 165 -25.97 -18.48 8.62
C GLY A 165 -26.18 -17.00 8.92
N LEU A 166 -25.07 -16.32 9.22
CA LEU A 166 -25.08 -14.88 9.54
C LEU A 166 -25.47 -14.04 8.33
N GLY A 167 -24.83 -14.38 7.22
CA GLY A 167 -25.01 -13.69 5.94
C GLY A 167 -26.43 -13.74 5.43
N ALA A 168 -26.99 -14.94 5.48
CA ALA A 168 -28.38 -15.20 5.05
C ALA A 168 -29.37 -14.39 5.89
N LEU A 169 -29.03 -14.25 7.15
CA LEU A 169 -29.91 -13.54 8.13
C LEU A 169 -29.82 -12.02 8.02
N ILE A 170 -28.63 -11.55 7.71
CA ILE A 170 -28.40 -10.10 7.50
C ILE A 170 -29.21 -9.64 6.28
N ARG A 171 -29.14 -10.48 5.26
CA ARG A 171 -29.91 -10.26 4.02
C ARG A 171 -31.40 -10.11 4.31
N ARG A 172 -31.92 -11.04 5.09
CA ARG A 172 -33.36 -11.04 5.48
C ARG A 172 -33.73 -9.75 6.22
N ALA A 173 -32.91 -9.42 7.20
CA ALA A 173 -33.14 -8.22 8.03
C ALA A 173 -33.02 -6.93 7.22
N MET A 174 -32.41 -7.05 6.05
CA MET A 174 -32.23 -5.90 5.11
C MET A 174 -33.24 -5.91 3.97
N SER A 175 -34.26 -6.74 4.12
CA SER A 175 -35.31 -6.95 3.08
C SER A 175 -35.86 -5.63 2.56
N LYS A 176 -36.14 -4.74 3.52
CA LYS A 176 -36.67 -3.39 3.24
C LYS A 176 -35.72 -2.56 2.36
N ASP A 177 -34.44 -2.84 2.53
CA ASP A 177 -33.35 -2.14 1.80
C ASP A 177 -33.18 -2.69 0.39
N TYR A 178 -33.35 -4.00 0.28
CA TYR A 178 -33.37 -4.71 -1.01
C TYR A 178 -34.56 -4.28 -1.87
N GLU A 179 -35.72 -4.35 -1.24
CA GLU A 179 -37.03 -4.07 -1.90
C GLU A 179 -37.14 -2.62 -2.43
N ARG A 180 -36.47 -1.72 -1.75
CA ARG A 180 -36.49 -0.26 -2.09
C ARG A 180 -35.69 0.06 -3.36
N HIS A 181 -34.56 -0.61 -3.46
CA HIS A 181 -33.67 -0.51 -4.65
C HIS A 181 -33.94 -1.55 -5.69
N GLY A 182 -35.11 -2.16 -5.55
CA GLY A 182 -35.63 -3.12 -6.54
C GLY A 182 -34.69 -4.26 -6.87
N VAL A 183 -34.20 -4.91 -5.83
CA VAL A 183 -33.27 -6.06 -5.96
C VAL A 183 -33.90 -7.42 -5.57
N THR A 184 -34.18 -8.21 -6.60
CA THR A 184 -34.74 -9.57 -6.43
C THR A 184 -33.71 -10.68 -6.66
N GLY A 185 -32.57 -10.27 -7.17
CA GLY A 185 -31.56 -11.23 -7.62
C GLY A 185 -30.73 -11.81 -6.50
N GLU A 186 -30.00 -12.86 -6.86
CA GLU A 186 -28.86 -13.35 -6.07
C GLU A 186 -27.56 -13.05 -6.83
N PRO A 187 -26.49 -12.61 -6.14
CA PRO A 187 -25.31 -12.42 -6.95
C PRO A 187 -24.97 -13.66 -7.78
N THR A 188 -24.19 -13.38 -8.83
CA THR A 188 -23.81 -14.38 -9.88
C THR A 188 -23.06 -15.56 -9.31
N GLY A 189 -21.93 -15.23 -8.72
CA GLY A 189 -21.09 -16.18 -8.00
C GLY A 189 -21.00 -15.90 -6.51
N SER A 190 -20.66 -16.94 -5.77
CA SER A 190 -20.45 -16.81 -4.32
C SER A 190 -19.26 -17.62 -3.84
N VAL A 191 -18.11 -16.99 -4.00
CA VAL A 191 -16.87 -17.54 -3.49
C VAL A 191 -16.62 -17.09 -2.05
N ARG A 192 -16.23 -18.08 -1.26
CA ARG A 192 -15.77 -17.83 0.11
C ARG A 192 -14.27 -18.04 0.21
N LEU A 193 -13.58 -17.00 0.64
CA LEU A 193 -12.14 -17.11 0.94
C LEU A 193 -11.91 -17.53 2.39
N THR A 194 -10.79 -18.22 2.59
CA THR A 194 -10.33 -18.57 3.95
C THR A 194 -8.83 -18.45 4.10
N THR A 195 -8.45 -17.74 5.16
CA THR A 195 -7.03 -17.60 5.53
C THR A 195 -6.62 -18.53 6.68
N THR A 196 -7.59 -19.30 7.14
CA THR A 196 -7.35 -20.31 8.22
C THR A 196 -6.67 -21.57 7.69
N PRO A 197 -5.52 -21.96 8.27
CA PRO A 197 -4.85 -23.20 7.87
C PRO A 197 -5.63 -24.43 8.31
N PRO A 198 -5.45 -25.56 7.60
CA PRO A 198 -6.25 -26.77 7.80
C PRO A 198 -6.26 -27.35 9.20
N SER A 199 -5.15 -27.20 9.91
CA SER A 199 -5.03 -27.83 11.26
C SER A 199 -5.82 -27.06 12.31
N VAL A 200 -5.86 -25.74 12.13
CA VAL A 200 -6.70 -24.86 12.97
C VAL A 200 -8.18 -25.10 12.67
N GLU A 201 -8.43 -25.19 11.39
CA GLU A 201 -9.77 -25.44 10.81
C GLU A 201 -10.39 -26.70 11.42
N ALA A 202 -9.56 -27.74 11.52
CA ALA A 202 -9.98 -29.05 12.09
C ALA A 202 -10.46 -28.94 13.54
N LEU A 203 -9.85 -28.02 14.26
CA LEU A 203 -10.12 -27.80 15.71
C LEU A 203 -11.32 -26.88 16.00
N LEU A 204 -11.89 -26.36 14.93
CA LEU A 204 -13.14 -25.57 15.04
C LEU A 204 -14.35 -26.51 15.07
N PRO A 205 -15.46 -26.08 15.69
CA PRO A 205 -16.67 -26.88 15.61
C PRO A 205 -17.20 -27.00 14.19
N GLU A 206 -17.79 -28.14 13.89
CA GLU A 206 -18.17 -28.51 12.49
C GLU A 206 -18.96 -27.41 11.77
N ASP A 207 -19.94 -26.88 12.48
CA ASP A 207 -20.85 -25.81 11.93
C ASP A 207 -20.16 -24.46 11.69
N ARG A 208 -18.93 -24.35 12.15
CA ARG A 208 -18.07 -23.13 11.95
C ARG A 208 -16.99 -23.34 10.89
N ARG A 209 -16.97 -24.55 10.35
CA ARG A 209 -16.05 -24.89 9.26
C ARG A 209 -16.66 -24.44 7.95
N SER A 210 -15.81 -23.84 7.13
CA SER A 210 -16.20 -23.42 5.76
C SER A 210 -15.56 -24.30 4.66
N PRO A 211 -16.16 -25.45 4.36
CA PRO A 211 -15.57 -26.29 3.34
C PRO A 211 -15.95 -25.81 1.97
N GLY A 212 -15.08 -26.14 1.03
CA GLY A 212 -15.24 -25.70 -0.37
C GLY A 212 -14.81 -24.25 -0.59
N ALA A 213 -14.38 -23.63 0.50
CA ALA A 213 -13.80 -22.28 0.48
C ALA A 213 -12.38 -22.29 -0.11
N TRP A 214 -12.11 -21.25 -0.89
CA TRP A 214 -10.77 -21.05 -1.50
C TRP A 214 -9.78 -20.65 -0.45
N PRO A 215 -8.72 -21.47 -0.26
CA PRO A 215 -7.74 -21.05 0.71
C PRO A 215 -6.81 -20.00 0.14
N MET A 216 -6.60 -19.00 0.98
CA MET A 216 -5.63 -17.93 0.75
C MET A 216 -4.73 -17.77 1.95
N ARG A 217 -3.44 -17.63 1.67
CA ARG A 217 -2.44 -17.46 2.72
C ARG A 217 -2.73 -16.19 3.49
N TYR A 218 -2.67 -16.31 4.80
CA TYR A 218 -2.73 -15.13 5.69
C TYR A 218 -1.43 -14.35 5.63
N VAL A 219 -1.52 -13.13 5.14
CA VAL A 219 -0.37 -12.20 5.06
C VAL A 219 -0.61 -11.00 5.97
N PRO A 220 0.14 -10.91 7.09
CA PRO A 220 -0.15 -9.83 8.00
C PRO A 220 -0.09 -8.51 7.30
N TYR A 221 -1.12 -7.72 7.56
CA TYR A 221 -1.09 -6.29 7.28
C TYR A 221 -1.65 -5.51 8.45
N ASN A 222 -0.81 -4.60 8.93
CA ASN A 222 -1.09 -3.88 10.19
C ASN A 222 -0.96 -2.36 10.04
N GLY A 223 -0.53 -1.96 8.86
CA GLY A 223 -0.21 -0.57 8.59
C GLY A 223 1.26 -0.41 8.27
N GLY A 224 1.57 0.65 7.56
CA GLY A 224 2.95 0.95 7.17
C GLY A 224 3.55 1.89 8.18
N ALA A 225 4.86 1.86 8.29
CA ALA A 225 5.56 2.65 9.32
C ALA A 225 7.01 2.99 9.01
N VAL A 226 7.46 4.13 9.52
CA VAL A 226 8.89 4.41 9.62
C VAL A 226 9.37 3.78 10.92
N LEU A 227 10.02 2.64 10.76
CA LEU A 227 10.45 1.77 11.89
C LEU A 227 11.52 2.39 12.80
N PRO A 228 11.39 2.22 14.11
CA PRO A 228 12.31 2.85 15.07
C PRO A 228 13.66 2.16 15.23
N ASP A 229 14.54 2.91 15.88
CA ASP A 229 15.96 2.56 16.12
C ASP A 229 16.17 1.21 16.75
N TRP A 230 15.30 0.93 17.70
CA TRP A 230 15.51 -0.16 18.68
C TRP A 230 14.96 -1.48 18.23
N LEU A 231 14.14 -1.42 17.18
CA LEU A 231 13.53 -2.65 16.59
C LEU A 231 14.54 -3.77 16.33
N PRO A 232 15.67 -3.48 15.66
CA PRO A 232 16.63 -4.57 15.47
C PRO A 232 17.11 -5.14 16.80
N PRO A 233 16.94 -6.45 16.99
CA PRO A 233 17.18 -7.08 18.26
C PRO A 233 18.64 -7.27 18.55
N ALA A 234 18.96 -6.95 19.80
CA ALA A 234 20.31 -7.05 20.36
C ALA A 234 20.78 -8.48 20.39
N ALA A 235 22.10 -8.59 20.54
CA ALA A 235 22.80 -9.89 20.53
C ALA A 235 22.46 -10.75 21.76
N GLY A 236 21.85 -11.91 21.49
CA GLY A 236 21.51 -12.92 22.51
C GLY A 236 20.50 -12.45 23.54
N ARG A 237 19.75 -11.43 23.15
CA ARG A 237 18.73 -10.82 24.01
C ARG A 237 17.33 -11.13 23.51
N ARG A 238 16.68 -12.02 24.24
CA ARG A 238 15.34 -12.48 23.85
C ARG A 238 14.30 -11.40 24.13
N ARG A 239 13.20 -11.53 23.40
CA ARG A 239 12.17 -10.49 23.36
C ARG A 239 10.76 -11.05 23.34
N ILE A 240 9.94 -10.47 24.22
CA ILE A 240 8.50 -10.81 24.31
C ILE A 240 7.66 -9.58 24.00
N ALA A 241 6.82 -9.73 22.99
CA ALA A 241 5.79 -8.74 22.68
C ALA A 241 4.58 -8.91 23.61
N VAL A 242 4.14 -7.79 24.14
CA VAL A 242 2.86 -7.71 24.87
C VAL A 242 1.92 -6.74 24.19
N THR A 243 0.78 -7.26 23.80
CA THR A 243 -0.24 -6.49 23.07
C THR A 243 -1.61 -6.57 23.72
N LEU A 244 -2.22 -5.40 23.82
CA LEU A 244 -3.57 -5.29 24.44
C LEU A 244 -4.64 -5.38 23.38
N GLY A 245 -4.25 -5.09 22.15
CA GLY A 245 -5.19 -4.96 21.03
C GLY A 245 -5.67 -3.53 20.86
N SER A 246 -6.06 -3.24 19.62
CA SER A 246 -6.51 -1.87 19.23
C SER A 246 -7.77 -1.40 19.96
N ILE A 247 -8.47 -2.35 20.57
CA ILE A 247 -9.83 -2.11 21.14
C ILE A 247 -9.93 -2.11 22.66
N ASP A 248 -9.64 -3.26 23.23
CA ASP A 248 -9.84 -3.51 24.69
C ASP A 248 -8.93 -2.70 25.58
N ALA A 249 -7.95 -2.08 24.94
CA ALA A 249 -6.91 -1.33 25.65
C ALA A 249 -7.44 -0.02 26.25
N LEU A 250 -8.48 0.52 25.64
CA LEU A 250 -9.03 1.85 26.04
C LEU A 250 -10.17 1.71 27.05
N SER A 251 -10.72 0.51 27.12
CA SER A 251 -11.80 0.21 28.09
C SER A 251 -11.35 0.65 29.47
N GLY A 252 -10.15 0.18 29.76
CA GLY A 252 -9.46 0.30 31.05
C GLY A 252 -8.65 -0.96 31.32
N GLY A 253 -8.23 -1.57 30.22
CA GLY A 253 -7.63 -2.92 30.25
C GLY A 253 -6.16 -3.00 30.61
N ILE A 254 -5.49 -1.86 30.60
CA ILE A 254 -4.05 -1.87 30.92
C ILE A 254 -3.86 -2.39 32.35
N ALA A 255 -4.84 -2.08 33.20
CA ALA A 255 -4.84 -2.54 34.62
C ALA A 255 -4.62 -4.05 34.71
N LYS A 256 -5.25 -4.76 33.80
CA LYS A 256 -5.10 -6.22 33.62
C LYS A 256 -3.66 -6.75 33.75
N LEU A 257 -2.73 -5.98 33.22
CA LEU A 257 -1.31 -6.41 33.11
C LEU A 257 -0.44 -6.04 34.30
N ALA A 258 -1.04 -5.45 35.32
CA ALA A 258 -0.27 -5.02 36.52
C ALA A 258 0.50 -6.15 37.21
N PRO A 259 -0.14 -7.32 37.41
CA PRO A 259 0.60 -8.44 38.01
C PRO A 259 1.78 -8.87 37.17
N LEU A 260 1.56 -8.94 35.86
CA LEU A 260 2.63 -9.33 34.90
C LEU A 260 3.87 -8.46 35.08
N PHE A 261 3.66 -7.15 34.94
CA PHE A 261 4.76 -6.15 34.98
C PHE A 261 5.38 -6.00 36.37
N SER A 262 4.74 -6.58 37.35
CA SER A 262 5.29 -6.65 38.72
C SER A 262 6.25 -7.82 38.91
N GLU A 263 6.40 -8.62 37.88
CA GLU A 263 7.29 -9.83 37.91
C GLU A 263 8.29 -9.95 36.76
N VAL A 264 8.12 -9.11 35.75
CA VAL A 264 8.92 -9.18 34.50
C VAL A 264 10.38 -8.79 34.71
N ALA A 265 10.62 -8.05 35.78
CA ALA A 265 12.00 -7.58 36.11
C ALA A 265 12.89 -8.79 36.43
N ASP A 266 12.23 -9.86 36.84
CA ASP A 266 12.88 -11.15 37.21
C ASP A 266 13.19 -12.02 36.00
N VAL A 267 12.63 -11.61 34.87
CA VAL A 267 12.72 -12.40 33.65
C VAL A 267 13.89 -11.94 32.80
N ASP A 268 14.69 -12.93 32.40
CA ASP A 268 15.89 -12.67 31.57
C ASP A 268 15.48 -12.42 30.13
N ALA A 269 14.78 -11.31 29.96
CA ALA A 269 14.27 -10.89 28.64
C ALA A 269 13.83 -9.44 28.55
N GLU A 270 13.65 -9.01 27.31
CA GLU A 270 13.18 -7.68 26.97
C GLU A 270 11.70 -7.77 26.60
N PHE A 271 10.94 -6.87 27.18
CA PHE A 271 9.50 -6.78 26.89
C PHE A 271 9.14 -5.54 26.09
N VAL A 272 8.39 -5.76 25.02
CA VAL A 272 7.83 -4.67 24.18
C VAL A 272 6.32 -4.58 24.30
N LEU A 273 5.87 -3.51 24.96
CA LEU A 273 4.43 -3.21 25.17
C LEU A 273 3.91 -2.18 24.21
N THR A 274 2.89 -2.61 23.48
CA THR A 274 2.14 -1.75 22.54
C THR A 274 0.84 -1.29 23.20
N LEU A 275 0.72 0.02 23.37
CA LEU A 275 -0.42 0.61 24.12
C LEU A 275 -1.75 0.53 23.38
N GLY A 276 -1.67 0.82 22.10
CA GLY A 276 -2.86 0.85 21.22
C GLY A 276 -4.01 1.70 21.76
N GLY A 277 -3.64 2.73 22.52
CA GLY A 277 -4.61 3.73 23.02
C GLY A 277 -4.78 3.76 24.53
N GLY A 278 -4.50 2.60 25.14
CA GLY A 278 -4.56 2.40 26.59
C GLY A 278 -3.79 3.43 27.40
N ASP A 279 -4.31 3.72 28.58
CA ASP A 279 -3.70 4.73 29.47
C ASP A 279 -2.51 4.16 30.26
N LEU A 280 -1.34 4.71 29.98
CA LEU A 280 -0.10 4.28 30.65
C LEU A 280 -0.18 4.64 32.12
N ALA A 281 -0.75 5.81 32.35
CA ALA A 281 -0.86 6.43 33.70
C ALA A 281 -1.60 5.54 34.69
N LEU A 282 -2.21 4.47 34.19
CA LEU A 282 -3.01 3.56 35.03
C LEU A 282 -2.12 2.68 35.89
N LEU A 283 -0.93 2.42 35.37
CA LEU A 283 0.13 1.70 36.16
C LEU A 283 1.43 2.49 36.30
N GLY A 284 1.69 3.31 35.30
CA GLY A 284 2.80 4.28 35.33
C GLY A 284 4.15 3.61 35.13
N GLU A 285 5.12 3.99 35.95
CA GLU A 285 6.50 3.50 35.79
C GLU A 285 6.56 1.98 35.71
N LEU A 286 7.23 1.52 34.67
CA LEU A 286 7.47 0.06 34.44
C LEU A 286 8.97 -0.29 34.57
N PRO A 287 9.30 -1.57 34.83
CA PRO A 287 10.72 -1.91 34.95
C PRO A 287 11.58 -1.51 33.76
N ALA A 288 12.86 -1.50 34.02
CA ALA A 288 13.90 -1.12 33.03
C ALA A 288 13.83 -1.98 31.76
N ASN A 289 13.49 -3.25 31.93
CA ASN A 289 13.48 -4.22 30.79
C ASN A 289 12.18 -4.20 29.97
N VAL A 290 11.35 -3.21 30.27
CA VAL A 290 10.09 -2.99 29.53
C VAL A 290 10.15 -1.69 28.72
N ARG A 291 10.02 -1.88 27.42
CA ARG A 291 9.89 -0.77 26.46
C ARG A 291 8.44 -0.53 26.00
N VAL A 292 8.07 0.74 26.00
CA VAL A 292 6.70 1.16 25.67
C VAL A 292 6.64 1.96 24.37
N VAL A 293 5.77 1.50 23.49
CA VAL A 293 5.48 2.19 22.22
C VAL A 293 3.97 2.22 21.97
N GLU A 294 3.49 3.31 21.39
CA GLU A 294 2.06 3.47 21.15
C GLU A 294 1.58 2.42 20.14
N TRP A 295 2.15 2.50 18.95
CA TRP A 295 1.87 1.53 17.89
C TRP A 295 3.09 1.19 17.08
N ILE A 296 3.08 -0.03 16.59
CA ILE A 296 4.12 -0.56 15.68
C ILE A 296 3.53 -1.74 14.88
N PRO A 297 3.83 -1.83 13.57
CA PRO A 297 3.21 -2.96 12.90
C PRO A 297 3.57 -4.31 13.50
N LEU A 298 2.54 -5.10 13.78
CA LEU A 298 2.72 -6.36 14.54
C LEU A 298 3.64 -7.34 13.84
N GLY A 299 3.48 -7.46 12.54
CA GLY A 299 4.29 -8.35 11.71
C GLY A 299 5.78 -8.03 11.85
N ALA A 300 6.05 -6.74 11.71
CA ALA A 300 7.40 -6.18 11.86
C ALA A 300 8.01 -6.40 13.26
N LEU A 301 7.14 -6.34 14.26
CA LEU A 301 7.57 -6.54 15.66
C LEU A 301 7.94 -8.00 15.95
N LEU A 302 7.07 -8.88 15.48
CA LEU A 302 7.16 -10.34 15.79
C LEU A 302 8.29 -11.02 15.04
N GLU A 303 8.73 -10.37 13.97
CA GLU A 303 9.89 -10.83 13.16
C GLU A 303 11.12 -10.89 14.07
N THR A 304 11.14 -9.99 15.04
CA THR A 304 12.26 -9.82 16.02
C THR A 304 11.97 -10.32 17.42
N CYS A 305 10.80 -10.91 17.57
CA CYS A 305 10.33 -11.43 18.88
C CYS A 305 10.41 -12.94 19.01
N ASP A 306 10.54 -13.38 20.25
CA ASP A 306 10.62 -14.83 20.55
C ASP A 306 9.30 -15.42 20.95
N ALA A 307 8.43 -14.55 21.46
CA ALA A 307 7.14 -14.95 21.97
C ALA A 307 6.17 -13.77 22.10
N ILE A 308 4.90 -14.09 22.36
CA ILE A 308 3.82 -13.06 22.48
C ILE A 308 2.76 -13.36 23.56
N ILE A 309 2.48 -12.31 24.31
CA ILE A 309 1.36 -12.31 25.27
C ILE A 309 0.30 -11.35 24.76
N HIS A 310 -0.91 -11.87 24.57
CA HIS A 310 -2.03 -11.04 24.07
C HIS A 310 -3.43 -11.37 24.56
N HIS A 311 -4.39 -10.68 23.94
CA HIS A 311 -5.81 -10.63 24.35
C HIS A 311 -6.71 -11.57 23.62
N GLY A 312 -6.20 -12.11 22.54
CA GLY A 312 -6.93 -13.13 21.75
C GLY A 312 -7.60 -12.62 20.48
N GLY A 313 -7.19 -11.44 20.07
CA GLY A 313 -7.61 -10.87 18.78
C GLY A 313 -7.27 -11.81 17.64
N SER A 314 -8.18 -11.91 16.69
CA SER A 314 -8.01 -12.84 15.54
C SER A 314 -6.80 -12.47 14.70
N GLY A 315 -6.68 -11.17 14.47
CA GLY A 315 -5.58 -10.64 13.65
C GLY A 315 -4.25 -10.84 14.33
N THR A 316 -4.26 -10.61 15.64
CA THR A 316 -3.08 -10.82 16.49
C THR A 316 -2.68 -12.30 16.49
N LEU A 317 -3.68 -13.15 16.57
CA LEU A 317 -3.47 -14.62 16.61
C LEU A 317 -2.86 -15.15 15.33
N LEU A 318 -3.49 -14.82 14.21
CA LEU A 318 -3.02 -15.30 12.88
C LEU A 318 -1.63 -14.75 12.54
N THR A 319 -1.40 -13.51 12.97
CA THR A 319 -0.10 -12.82 12.75
C THR A 319 1.02 -13.53 13.49
N ALA A 320 0.69 -13.94 14.70
CA ALA A 320 1.62 -14.66 15.58
C ALA A 320 1.94 -16.05 15.04
N LEU A 321 0.89 -16.69 14.57
CA LEU A 321 1.00 -18.02 13.93
C LEU A 321 1.95 -17.93 12.75
N ALA A 322 1.69 -16.90 11.96
CA ALA A 322 2.46 -16.60 10.75
C ALA A 322 3.93 -16.38 11.06
N ALA A 323 4.16 -15.73 12.19
CA ALA A 323 5.52 -15.43 12.68
C ALA A 323 6.20 -16.68 13.25
N GLY A 324 5.39 -17.71 13.47
CA GLY A 324 5.88 -19.00 14.01
C GLY A 324 6.49 -18.74 15.38
N VAL A 325 5.61 -18.36 16.29
CA VAL A 325 6.00 -17.86 17.62
C VAL A 325 5.03 -18.34 18.71
N PRO A 326 5.55 -18.81 19.85
CA PRO A 326 4.67 -19.23 20.92
C PRO A 326 3.81 -18.12 21.47
N GLN A 327 2.64 -18.50 21.93
CA GLN A 327 1.59 -17.55 22.33
C GLN A 327 1.04 -17.80 23.71
N CYS A 328 0.80 -16.70 24.40
CA CYS A 328 0.04 -16.68 25.66
C CYS A 328 -1.15 -15.74 25.58
N VAL A 329 -2.31 -16.30 25.87
CA VAL A 329 -3.56 -15.54 25.74
C VAL A 329 -4.22 -15.25 27.09
N ILE A 330 -4.36 -13.97 27.37
CA ILE A 330 -5.14 -13.53 28.54
C ILE A 330 -6.57 -13.54 28.09
N PRO A 331 -7.31 -14.57 28.49
CA PRO A 331 -8.63 -14.72 27.99
C PRO A 331 -9.54 -13.76 28.68
N HIS A 332 -10.70 -13.57 28.08
CA HIS A 332 -11.76 -12.90 28.81
C HIS A 332 -13.09 -13.09 28.17
N GLY A 333 -13.95 -13.75 28.93
CA GLY A 333 -15.23 -14.23 28.45
C GLY A 333 -16.42 -13.32 28.72
N SER A 334 -16.33 -12.07 28.29
CA SER A 334 -17.56 -11.27 28.11
C SER A 334 -18.43 -12.02 27.11
N TYR A 335 -17.73 -12.81 26.30
CA TYR A 335 -18.34 -13.70 25.29
C TYR A 335 -17.58 -15.03 25.17
N ASP A 337 -13.32 -16.93 25.06
CA ASP A 337 -13.29 -16.90 23.60
C ASP A 337 -13.12 -18.31 23.03
N THR A 338 -13.05 -18.34 21.72
CA THR A 338 -12.91 -19.60 20.94
C THR A 338 -11.45 -19.98 20.69
N ASN A 339 -10.56 -19.24 21.31
CA ASN A 339 -9.13 -19.35 21.00
C ASN A 339 -8.32 -20.24 21.95
N ARG A 340 -8.98 -20.67 23.00
CA ARG A 340 -8.35 -21.53 24.02
C ARG A 340 -7.98 -22.88 23.42
N ASP A 341 -8.99 -23.51 22.85
CA ASP A 341 -8.86 -24.90 22.33
C ASP A 341 -7.91 -25.01 21.14
N VAL A 342 -7.76 -23.92 20.42
CA VAL A 342 -6.84 -23.85 19.26
C VAL A 342 -5.36 -23.94 19.70
N LEU A 343 -4.98 -23.02 20.58
CA LEU A 343 -3.56 -22.93 21.09
C LEU A 343 -3.18 -24.21 21.82
N THR A 344 -4.12 -24.67 22.62
CA THR A 344 -3.99 -25.93 23.36
C THR A 344 -3.91 -27.10 22.40
N GLY A 345 -4.92 -27.16 21.55
CA GLY A 345 -5.09 -28.27 20.59
C GLY A 345 -3.89 -28.45 19.70
N LEU A 346 -3.41 -27.33 19.19
CA LEU A 346 -2.20 -27.31 18.33
C LEU A 346 -0.90 -27.44 19.14
N GLY A 347 -0.97 -27.02 20.39
CA GLY A 347 0.17 -27.08 21.32
C GLY A 347 1.21 -26.02 21.04
N ILE A 348 0.75 -24.89 20.52
CA ILE A 348 1.60 -23.71 20.21
C ILE A 348 1.61 -22.69 21.33
N GLY A 349 0.67 -22.86 22.23
CA GLY A 349 0.49 -21.96 23.35
C GLY A 349 -0.48 -22.42 24.39
N PHE A 350 -0.82 -21.48 25.25
CA PHE A 350 -1.68 -21.74 26.41
C PHE A 350 -2.39 -20.49 26.88
N ASP A 351 -3.39 -20.70 27.72
CA ASP A 351 -4.14 -19.60 28.31
C ASP A 351 -3.64 -19.28 29.70
N ALA A 352 -3.90 -18.05 30.10
CA ALA A 352 -3.48 -17.55 31.42
C ALA A 352 -4.28 -16.35 31.90
N GLU A 353 -4.89 -16.52 33.07
CA GLU A 353 -5.67 -15.44 33.68
C GLU A 353 -4.75 -14.32 34.14
N ALA A 354 -5.20 -13.10 33.86
CA ALA A 354 -4.41 -11.87 34.06
C ALA A 354 -3.87 -11.77 35.48
N GLY A 355 -4.71 -12.16 36.44
CA GLY A 355 -4.38 -12.06 37.87
C GLY A 355 -3.26 -12.99 38.29
N SER A 356 -3.15 -14.08 37.56
CA SER A 356 -2.17 -15.14 37.89
C SER A 356 -1.08 -15.27 36.83
N LEU A 357 -0.87 -14.18 36.11
CA LEU A 357 0.12 -14.10 35.01
C LEU A 357 1.42 -13.43 35.46
N GLY A 358 2.50 -14.18 35.38
CA GLY A 358 3.83 -13.68 35.82
C GLY A 358 5.04 -14.29 35.15
N ALA A 359 6.15 -14.24 35.87
CA ALA A 359 7.46 -14.67 35.38
C ALA A 359 7.45 -16.09 34.84
N GLU A 360 6.66 -16.92 35.50
CA GLU A 360 6.63 -18.37 35.20
C GLU A 360 6.09 -18.69 33.82
N GLN A 361 5.05 -17.96 33.43
CA GLN A 361 4.47 -18.12 32.08
C GLN A 361 5.46 -17.65 31.03
N CYS A 362 6.15 -16.58 31.36
CA CYS A 362 7.16 -16.00 30.46
C CYS A 362 8.28 -16.98 30.23
N ARG A 363 8.68 -17.63 31.30
CA ARG A 363 9.79 -18.61 31.27
C ARG A 363 9.38 -19.78 30.40
N ARG A 364 8.13 -20.16 30.58
CA ARG A 364 7.55 -21.26 29.82
C ARG A 364 7.54 -20.94 28.34
N LEU A 365 7.12 -19.72 28.05
CA LEU A 365 7.06 -19.22 26.65
C LEU A 365 8.41 -19.33 25.97
N LEU A 366 9.42 -18.87 26.69
CA LEU A 366 10.80 -18.73 26.15
C LEU A 366 11.62 -20.02 26.08
N ASP A 367 11.27 -20.99 26.91
CA ASP A 367 12.09 -22.24 27.11
C ASP A 367 11.46 -23.57 26.68
N ASP A 368 10.13 -23.62 26.76
CA ASP A 368 9.35 -24.82 26.39
C ASP A 368 9.48 -25.12 24.89
N ALA A 369 10.27 -26.15 24.61
CA ALA A 369 10.64 -26.58 23.24
C ALA A 369 9.44 -26.98 22.36
N GLY A 370 8.46 -27.59 23.01
CA GLY A 370 7.24 -28.10 22.34
C GLY A 370 6.37 -27.00 21.76
N LEU A 371 6.33 -25.89 22.50
CA LEU A 371 5.54 -24.70 22.09
C LEU A 371 6.11 -24.11 20.79
N ARG A 372 7.43 -24.10 20.73
CA ARG A 372 8.17 -23.49 19.58
C ARG A 372 8.05 -24.34 18.32
N GLU A 373 8.19 -25.64 18.50
CA GLU A 373 8.15 -26.60 17.37
C GLU A 373 6.78 -26.62 16.73
N ALA A 374 5.77 -26.62 17.59
CA ALA A 374 4.38 -26.61 17.14
C ALA A 374 4.09 -25.29 16.42
N ALA A 375 4.59 -24.21 16.99
CA ALA A 375 4.40 -22.87 16.41
C ALA A 375 4.96 -22.88 15.01
N LEU A 376 6.17 -23.41 14.93
CA LEU A 376 6.93 -23.52 13.66
C LEU A 376 6.20 -24.41 12.64
N ARG A 377 5.63 -25.48 13.16
CA ARG A 377 4.84 -26.47 12.39
C ARG A 377 3.68 -25.82 11.65
N VAL A 378 2.95 -25.00 12.38
CA VAL A 378 1.74 -24.32 11.87
C VAL A 378 2.11 -23.22 10.87
N ARG A 379 3.22 -22.56 11.16
CA ARG A 379 3.78 -21.54 10.27
C ARG A 379 4.05 -22.15 8.90
N GLN A 380 4.63 -23.34 8.93
CA GLN A 380 5.00 -24.09 7.71
C GLN A 380 3.74 -24.37 6.90
N GLU A 381 2.71 -24.75 7.63
CA GLU A 381 1.40 -25.07 7.03
C GLU A 381 0.82 -23.85 6.33
N MET A 382 0.93 -22.72 7.01
CA MET A 382 0.42 -21.43 6.49
C MET A 382 1.14 -21.01 5.21
N SER A 383 2.43 -21.29 5.17
CA SER A 383 3.27 -20.90 4.02
C SER A 383 3.04 -21.77 2.80
N GLU A 384 2.35 -22.88 3.00
CA GLU A 384 1.97 -23.82 1.89
C GLU A 384 0.64 -23.46 1.23
N MET A 385 -0.06 -22.54 1.86
CA MET A 385 -1.31 -22.01 1.30
C MET A 385 -0.99 -20.95 0.24
N PRO A 386 -1.83 -20.86 -0.81
CA PRO A 386 -1.60 -19.94 -1.90
C PRO A 386 -1.60 -18.52 -1.45
N PRO A 387 -0.60 -17.75 -1.90
CA PRO A 387 -0.50 -16.34 -1.54
C PRO A 387 -1.62 -15.51 -2.17
N PRO A 388 -1.82 -14.28 -1.71
CA PRO A 388 -2.89 -13.45 -2.25
C PRO A 388 -2.76 -13.15 -3.73
N ALA A 389 -1.52 -13.10 -4.21
CA ALA A 389 -1.21 -12.86 -5.65
C ALA A 389 -1.85 -13.91 -6.53
N GLU A 390 -1.79 -15.12 -6.02
CA GLU A 390 -2.29 -16.31 -6.70
C GLU A 390 -3.82 -16.32 -6.69
N THR A 391 -4.35 -15.97 -5.54
CA THR A 391 -5.80 -15.93 -5.31
C THR A 391 -6.44 -14.87 -6.20
N ALA A 392 -5.71 -13.77 -6.33
CA ALA A 392 -6.12 -12.65 -7.17
C ALA A 392 -6.23 -13.06 -8.63
N ALA A 393 -5.26 -13.85 -9.09
CA ALA A 393 -5.23 -14.33 -10.48
C ALA A 393 -6.48 -15.18 -10.74
N LYS A 394 -6.78 -16.01 -9.75
CA LYS A 394 -7.98 -16.91 -9.78
C LYS A 394 -9.28 -16.12 -9.95
N LEU A 395 -9.37 -15.04 -9.19
CA LEU A 395 -10.57 -14.16 -9.22
C LEU A 395 -10.70 -13.43 -10.56
N VAL A 396 -9.56 -13.02 -11.08
CA VAL A 396 -9.48 -12.16 -12.28
C VAL A 396 -10.12 -12.86 -13.45
N ALA A 397 -9.94 -14.17 -13.45
CA ALA A 397 -10.59 -15.00 -14.47
C ALA A 397 -12.06 -15.22 -14.17
N LEU A 398 -12.38 -15.43 -12.91
CA LEU A 398 -13.80 -15.66 -12.48
C LEU A 398 -14.70 -14.49 -12.89
N ALA A 399 -14.12 -13.30 -12.83
CA ALA A 399 -14.81 -12.06 -13.26
C ALA A 399 -14.94 -11.98 -14.78
N GLN B 21 10.96 -20.01 4.29
CA GLN B 21 11.57 -18.65 4.26
C GLN B 21 11.06 -17.78 3.13
N SER B 22 10.53 -16.64 3.56
CA SER B 22 10.27 -15.54 2.65
C SER B 22 11.59 -15.06 2.07
N MET B 23 11.50 -14.64 0.82
CA MET B 23 12.58 -13.90 0.17
C MET B 23 12.51 -12.50 0.75
N ARG B 24 13.68 -11.90 0.92
CA ARG B 24 13.79 -10.55 1.49
C ARG B 24 14.41 -9.53 0.56
N ALA B 25 13.61 -8.50 0.28
CA ALA B 25 13.97 -7.41 -0.64
C ALA B 25 14.18 -6.05 0.04
N LEU B 26 15.42 -5.59 -0.03
CA LEU B 26 15.78 -4.28 0.51
C LEU B 26 15.76 -3.22 -0.60
N PHE B 27 14.83 -2.29 -0.43
CA PHE B 27 14.62 -1.16 -1.36
C PHE B 27 15.39 0.09 -0.93
N ILE B 28 16.48 0.34 -1.62
CA ILE B 28 17.31 1.50 -1.30
C ILE B 28 17.16 2.60 -2.34
N THR B 29 16.38 3.59 -1.95
CA THR B 29 15.94 4.63 -2.88
C THR B 29 16.46 6.03 -2.56
N SER B 30 16.44 6.85 -3.60
CA SER B 30 16.68 8.30 -3.49
C SER B 30 15.66 8.94 -2.54
N PRO B 31 16.06 10.01 -1.85
CA PRO B 31 15.19 10.55 -0.83
C PRO B 31 13.95 11.20 -1.38
N GLY B 32 13.98 11.49 -2.68
CA GLY B 32 12.87 12.19 -3.38
C GLY B 32 11.60 11.40 -3.68
N LEU B 33 10.48 12.01 -3.31
CA LEU B 33 9.10 11.46 -3.51
C LEU B 33 8.89 10.74 -4.85
N SER B 34 9.32 11.40 -5.92
CA SER B 34 9.06 10.93 -7.32
C SER B 34 9.92 9.72 -7.74
N HIS B 35 10.98 9.49 -6.98
CA HIS B 35 11.85 8.33 -7.17
C HIS B 35 11.34 7.15 -6.39
N ILE B 36 10.66 7.47 -5.28
CA ILE B 36 10.10 6.45 -4.35
C ILE B 36 8.81 5.82 -4.92
N LEU B 37 7.87 6.70 -5.26
CA LEU B 37 6.49 6.31 -5.73
C LEU B 37 6.44 5.17 -6.76
N PRO B 38 7.20 5.25 -7.85
CA PRO B 38 7.14 4.20 -8.87
C PRO B 38 7.79 2.89 -8.49
N THR B 39 8.37 2.84 -7.29
CA THR B 39 8.91 1.55 -6.77
C THR B 39 7.86 0.75 -5.98
N VAL B 40 6.81 1.44 -5.58
CA VAL B 40 5.74 0.85 -4.72
C VAL B 40 5.05 -0.36 -5.33
N PRO B 41 4.53 -0.26 -6.57
CA PRO B 41 3.96 -1.41 -7.24
C PRO B 41 4.75 -2.69 -7.09
N LEU B 42 6.05 -2.60 -7.37
CA LEU B 42 6.97 -3.77 -7.21
C LEU B 42 7.02 -4.34 -5.77
N ALA B 43 7.16 -3.43 -4.83
CA ALA B 43 7.28 -3.75 -3.40
C ALA B 43 6.00 -4.44 -2.93
N GLN B 44 4.95 -3.76 -3.29
CA GLN B 44 3.56 -4.18 -3.09
C GLN B 44 3.34 -5.59 -3.69
N ALA B 45 3.86 -5.77 -4.89
CA ALA B 45 3.74 -7.06 -5.62
C ALA B 45 4.41 -8.20 -4.87
N LEU B 46 5.60 -7.92 -4.39
CA LEU B 46 6.38 -8.90 -3.61
C LEU B 46 5.67 -9.31 -2.31
N ARG B 47 5.13 -8.32 -1.60
CA ARG B 47 4.31 -8.60 -0.37
C ARG B 47 3.19 -9.59 -0.74
N ALA B 48 2.60 -9.32 -1.89
CA ALA B 48 1.43 -10.08 -2.42
C ALA B 48 1.76 -11.54 -2.70
N LEU B 49 3.01 -11.76 -3.08
CA LEU B 49 3.58 -13.12 -3.23
C LEU B 49 3.96 -13.80 -1.89
N GLY B 50 3.81 -13.07 -0.80
CA GLY B 50 4.10 -13.61 0.56
C GLY B 50 5.54 -13.40 1.03
N HIS B 51 6.25 -12.54 0.31
CA HIS B 51 7.64 -12.18 0.63
C HIS B 51 7.76 -10.92 1.43
N GLU B 52 8.99 -10.61 1.79
CA GLU B 52 9.27 -9.46 2.66
C GLU B 52 10.00 -8.31 2.00
N VAL B 53 9.43 -7.16 2.27
CA VAL B 53 9.89 -5.92 1.70
C VAL B 53 10.17 -4.96 2.81
N ARG B 54 11.34 -4.36 2.71
CA ARG B 54 11.74 -3.26 3.58
C ARG B 54 12.48 -2.18 2.81
N TYR B 55 12.12 -0.95 3.11
CA TYR B 55 12.77 0.23 2.51
C TYR B 55 13.86 0.75 3.39
N ALA B 56 14.84 1.34 2.73
CA ALA B 56 16.01 1.98 3.37
C ALA B 56 16.35 3.27 2.64
N THR B 57 15.79 4.35 3.17
CA THR B 57 15.89 5.66 2.53
C THR B 57 15.82 6.81 3.52
N GLY B 58 15.69 8.00 2.97
CA GLY B 58 15.50 9.21 3.77
C GLY B 58 14.61 10.19 3.06
N GLY B 59 14.60 11.42 3.57
CA GLY B 59 13.84 12.51 2.92
C GLY B 59 12.34 12.32 2.90
N ASP B 60 11.83 11.86 1.77
CA ASP B 60 10.36 11.73 1.58
C ASP B 60 9.86 10.34 1.95
N ILE B 61 10.56 9.81 2.95
CA ILE B 61 10.44 8.42 3.45
C ILE B 61 9.03 8.06 3.91
N ARG B 62 8.34 9.06 4.44
CA ARG B 62 7.00 8.85 5.03
C ARG B 62 5.96 8.44 4.00
N ALA B 63 6.31 8.65 2.73
CA ALA B 63 5.50 8.18 1.59
C ALA B 63 5.48 6.64 1.49
N VAL B 64 6.56 6.04 1.98
CA VAL B 64 6.68 4.57 2.02
C VAL B 64 5.69 4.00 3.03
N ALA B 65 5.67 4.63 4.19
CA ALA B 65 4.72 4.30 5.27
C ALA B 65 3.25 4.45 4.85
N GLU B 66 3.00 5.47 4.05
CA GLU B 66 1.62 5.77 3.59
C GLU B 66 1.17 4.84 2.45
N ALA B 67 2.10 4.01 2.02
CA ALA B 67 1.87 3.03 0.96
C ALA B 67 1.69 1.62 1.53
N GLY B 68 1.58 1.59 2.86
CA GLY B 68 1.36 0.35 3.63
C GLY B 68 2.62 -0.47 3.84
N LEU B 69 3.75 0.14 3.58
CA LEU B 69 5.07 -0.53 3.69
C LEU B 69 5.96 -0.01 4.82
N CYS B 70 7.00 -0.78 5.07
CA CYS B 70 7.93 -0.51 6.17
C CYS B 70 9.28 0.02 5.73
N ALA B 71 9.73 1.01 6.47
CA ALA B 71 10.93 1.78 6.12
C ALA B 71 11.86 2.08 7.27
N VAL B 72 13.14 2.09 6.95
CA VAL B 72 14.16 2.57 7.89
C VAL B 72 14.79 3.87 7.40
N ASP B 73 14.72 4.88 8.26
CA ASP B 73 15.39 6.17 8.01
C ASP B 73 16.90 6.04 8.16
N VAL B 74 17.57 6.07 7.03
CA VAL B 74 19.04 5.90 6.97
C VAL B 74 19.81 7.20 7.18
N SER B 75 19.09 8.29 7.28
CA SER B 75 19.72 9.63 7.41
C SER B 75 18.89 10.65 8.22
N PRO B 76 18.59 10.31 9.47
CA PRO B 76 17.72 11.16 10.24
C PRO B 76 18.36 12.49 10.60
N GLY B 77 17.59 13.54 10.39
CA GLY B 77 17.98 14.93 10.72
C GLY B 77 18.72 15.63 9.60
N VAL B 78 19.21 14.83 8.67
CA VAL B 78 19.99 15.36 7.53
C VAL B 78 19.18 16.33 6.68
N ASN B 79 19.80 17.49 6.46
CA ASN B 79 19.26 18.55 5.57
C ASN B 79 19.75 18.39 4.14
N TYR B 80 18.87 17.82 3.32
CA TYR B 80 19.21 17.41 1.93
C TYR B 80 19.50 18.57 0.98
N ALA B 81 18.76 19.65 1.19
CA ALA B 81 18.85 20.87 0.36
C ALA B 81 20.28 21.41 0.35
N LYS B 82 20.89 21.37 1.53
CA LYS B 82 22.29 21.82 1.72
C LYS B 82 23.26 20.90 0.98
N LEU B 83 22.89 19.64 0.90
CA LEU B 83 23.68 18.58 0.19
C LEU B 83 23.71 18.73 -1.32
N PHE B 84 22.52 18.94 -1.87
CA PHE B 84 22.31 19.02 -3.35
C PHE B 84 23.04 20.22 -3.93
N VAL B 85 22.81 21.36 -3.30
CA VAL B 85 23.60 22.60 -3.53
C VAL B 85 24.19 23.16 -2.23
N PRO B 86 25.54 23.19 -2.11
CA PRO B 86 26.23 23.80 -0.97
C PRO B 86 25.93 25.29 -0.75
N PRO B 94 31.29 28.57 -15.83
CA PRO B 94 30.71 29.01 -17.10
C PRO B 94 31.71 28.95 -18.25
N MET B 95 32.04 30.11 -18.81
CA MET B 95 33.06 30.21 -19.89
C MET B 95 34.41 29.55 -19.54
N HIS B 96 34.67 29.14 -18.39
CA HIS B 96 36.05 28.73 -18.45
C HIS B 96 36.04 27.53 -17.58
N SER B 97 35.11 27.48 -16.79
CA SER B 97 35.17 26.23 -16.10
C SER B 97 35.12 25.07 -17.09
N GLU B 98 35.27 23.89 -16.53
CA GLU B 98 35.40 22.61 -17.26
C GLU B 98 34.52 21.52 -16.64
N GLY B 99 34.39 20.42 -17.36
CA GLY B 99 33.59 19.24 -16.92
C GLY B 99 32.10 19.50 -16.75
N LEU B 100 31.63 20.53 -17.46
CA LEU B 100 30.21 20.88 -17.44
C LEU B 100 29.49 19.77 -18.19
N GLY B 101 29.40 18.65 -17.49
CA GLY B 101 28.83 17.41 -18.03
C GLY B 101 28.11 16.52 -17.01
N GLU B 102 28.02 15.25 -17.36
CA GLU B 102 27.42 14.22 -16.47
C GLU B 102 28.18 14.14 -15.14
N GLY B 103 29.49 14.36 -15.24
CA GLY B 103 30.40 14.33 -14.08
C GLY B 103 29.98 15.23 -12.92
N PHE B 104 29.36 16.35 -13.26
CA PHE B 104 28.86 17.32 -12.27
C PHE B 104 27.71 16.73 -11.45
N PHE B 105 26.78 16.14 -12.20
CA PHE B 105 25.58 15.48 -11.62
C PHE B 105 25.89 14.17 -10.89
N ALA B 106 26.85 13.43 -11.42
CA ALA B 106 27.33 12.20 -10.79
C ALA B 106 27.87 12.52 -9.41
N GLU B 107 28.71 13.55 -9.40
CA GLU B 107 29.33 14.06 -8.15
C GLU B 107 28.26 14.47 -7.14
N MET B 108 27.28 15.18 -7.66
CA MET B 108 26.12 15.69 -6.88
C MET B 108 25.33 14.55 -6.23
N PHE B 109 25.08 13.53 -7.05
CA PHE B 109 24.29 12.35 -6.64
C PHE B 109 25.06 11.47 -5.65
N ALA B 110 26.37 11.55 -5.76
CA ALA B 110 27.30 10.86 -4.87
C ALA B 110 27.25 11.42 -3.45
N ARG B 111 27.22 12.74 -3.39
CA ARG B 111 27.15 13.49 -2.12
CA ARG B 111 27.13 13.51 -2.15
C ARG B 111 25.86 13.18 -1.39
N VAL B 112 24.81 13.01 -2.18
CA VAL B 112 23.47 12.75 -1.64
C VAL B 112 23.35 11.30 -1.22
N SER B 113 23.96 10.43 -2.00
CA SER B 113 23.96 8.99 -1.70
C SER B 113 24.79 8.70 -0.45
N ALA B 114 25.90 9.42 -0.37
CA ALA B 114 26.92 9.25 0.69
C ALA B 114 26.28 9.13 2.08
N VAL B 115 25.35 10.03 2.34
CA VAL B 115 24.65 10.14 3.66
C VAL B 115 23.66 9.00 3.97
N ALA B 116 23.52 8.10 3.02
CA ALA B 116 22.65 6.93 3.15
C ALA B 116 23.43 5.64 3.39
N VAL B 117 24.70 5.69 3.07
CA VAL B 117 25.52 4.47 2.99
C VAL B 117 25.55 3.67 4.31
N ASP B 118 25.98 4.37 5.36
CA ASP B 118 26.16 3.75 6.70
C ASP B 118 24.87 3.11 7.16
N GLY B 119 23.78 3.79 6.86
CA GLY B 119 22.43 3.39 7.32
C GLY B 119 21.97 2.15 6.56
N ALA B 120 22.14 2.25 5.26
CA ALA B 120 21.77 1.20 4.31
C ALA B 120 22.48 -0.09 4.69
N LEU B 121 23.72 0.07 5.10
CA LEU B 121 24.64 -1.06 5.43
C LEU B 121 24.25 -1.77 6.72
N ARG B 122 24.02 -0.98 7.75
CA ARG B 122 23.54 -1.50 9.06
C ARG B 122 22.26 -2.33 8.89
N THR B 123 21.35 -1.77 8.11
CA THR B 123 20.04 -2.40 7.87
C THR B 123 20.19 -3.72 7.15
N ALA B 124 21.00 -3.68 6.09
CA ALA B 124 21.30 -4.85 5.27
C ALA B 124 21.94 -5.96 6.12
N ARG B 125 22.81 -5.56 7.03
CA ARG B 125 23.56 -6.53 7.85
C ARG B 125 22.65 -7.20 8.86
N SER B 126 21.79 -6.40 9.48
CA SER B 126 20.87 -6.93 10.51
C SER B 126 19.68 -7.66 9.91
N TRP B 127 19.14 -7.05 8.88
CA TRP B 127 17.92 -7.54 8.19
C TRP B 127 18.19 -8.66 7.20
N ARG B 128 19.37 -8.63 6.63
CA ARG B 128 19.87 -9.71 5.74
C ARG B 128 19.04 -9.92 4.47
N PRO B 129 19.00 -8.94 3.57
CA PRO B 129 18.22 -9.20 2.38
C PRO B 129 18.88 -10.15 1.43
N ASP B 130 18.06 -10.72 0.56
CA ASP B 130 18.53 -11.59 -0.54
C ASP B 130 18.75 -10.81 -1.83
N LEU B 131 18.18 -9.62 -1.86
CA LEU B 131 18.06 -8.84 -3.08
C LEU B 131 17.96 -7.36 -2.77
N VAL B 132 18.77 -6.58 -3.46
CA VAL B 132 18.73 -5.12 -3.37
C VAL B 132 18.00 -4.51 -4.56
N VAL B 133 16.99 -3.71 -4.26
CA VAL B 133 16.30 -2.93 -5.31
C VAL B 133 16.72 -1.48 -5.17
N HIS B 134 17.13 -0.89 -6.27
CA HIS B 134 17.51 0.52 -6.23
C HIS B 134 17.02 1.36 -7.38
N THR B 135 17.08 2.65 -7.13
CA THR B 135 16.79 3.67 -8.14
C THR B 135 18.14 4.16 -8.70
N PRO B 136 18.15 4.65 -9.95
CA PRO B 136 19.38 4.90 -10.70
C PRO B 136 20.39 5.85 -10.11
N THR B 137 19.91 6.88 -9.43
CA THR B 137 20.82 7.91 -8.84
C THR B 137 21.29 7.61 -7.41
N GLN B 138 20.65 6.61 -6.82
CA GLN B 138 20.94 6.18 -5.44
C GLN B 138 22.13 5.24 -5.43
N GLY B 139 23.28 5.82 -5.13
CA GLY B 139 24.56 5.08 -5.17
C GLY B 139 24.77 4.13 -4.01
N ALA B 140 23.99 4.34 -2.96
CA ALA B 140 24.06 3.50 -1.74
C ALA B 140 23.55 2.09 -2.00
N GLY B 141 22.73 1.98 -3.05
CA GLY B 141 22.11 0.71 -3.47
C GLY B 141 23.09 -0.33 -4.00
N PRO B 142 23.84 -0.01 -5.07
CA PRO B 142 24.82 -0.96 -5.61
C PRO B 142 25.99 -1.19 -4.70
N LEU B 143 26.34 -0.15 -3.97
CA LEU B 143 27.40 -0.22 -2.93
C LEU B 143 27.07 -1.34 -1.95
N THR B 144 25.83 -1.27 -1.47
CA THR B 144 25.29 -2.22 -0.46
C THR B 144 25.18 -3.64 -1.01
N ALA B 145 24.74 -3.73 -2.25
CA ALA B 145 24.60 -5.02 -2.97
C ALA B 145 25.97 -5.67 -3.20
N ALA B 146 26.95 -4.81 -3.45
CA ALA B 146 28.34 -5.22 -3.71
C ALA B 146 29.00 -5.73 -2.44
N ALA B 147 28.87 -4.92 -1.40
CA ALA B 147 29.38 -5.24 -0.07
C ALA B 147 28.89 -6.60 0.43
N LEU B 148 27.61 -6.87 0.22
CA LEU B 148 26.97 -8.14 0.71
C LEU B 148 26.85 -9.23 -0.34
N GLN B 149 27.43 -8.96 -1.49
CA GLN B 149 27.40 -9.90 -2.63
C GLN B 149 25.98 -10.41 -2.91
N LEU B 150 25.10 -9.44 -3.08
CA LEU B 150 23.69 -9.69 -3.49
C LEU B 150 23.44 -9.13 -4.90
N PRO B 151 22.43 -9.67 -5.59
CA PRO B 151 22.07 -9.05 -6.84
C PRO B 151 21.35 -7.77 -6.60
N CYS B 152 21.44 -6.89 -7.57
CA CYS B 152 20.61 -5.69 -7.52
C CYS B 152 19.78 -5.48 -8.77
N VAL B 153 18.65 -4.82 -8.51
CA VAL B 153 17.64 -4.50 -9.52
C VAL B 153 17.49 -2.99 -9.62
N GLU B 154 17.75 -2.47 -10.81
CA GLU B 154 17.56 -1.04 -11.07
C GLU B 154 16.11 -0.81 -11.51
N LEU B 155 15.43 0.05 -10.77
CA LEU B 155 14.03 0.45 -11.05
C LEU B 155 13.95 1.95 -11.29
N PRO B 156 13.85 2.37 -12.55
CA PRO B 156 13.82 3.78 -12.86
C PRO B 156 12.42 4.36 -12.84
N LEU B 157 12.36 5.68 -12.68
CA LEU B 157 11.05 6.40 -12.57
C LEU B 157 10.33 6.56 -13.91
N GLY B 158 11.09 6.36 -14.98
CA GLY B 158 10.60 6.52 -16.37
C GLY B 158 11.67 6.89 -17.40
N PRO B 159 11.26 7.22 -18.64
CA PRO B 159 12.20 7.42 -19.75
C PRO B 159 13.31 8.40 -19.46
N ALA B 160 12.96 9.43 -18.69
CA ALA B 160 13.89 10.54 -18.34
C ALA B 160 15.09 10.07 -17.55
N ASP B 161 14.84 9.02 -16.78
CA ASP B 161 15.78 8.45 -15.78
C ASP B 161 16.83 7.53 -16.40
N SER B 162 17.13 7.80 -17.66
CA SER B 162 18.08 6.97 -18.42
C SER B 162 19.25 7.79 -18.94
N GLU B 163 19.94 8.44 -18.01
CA GLU B 163 21.16 9.19 -18.35
C GLU B 163 22.26 8.14 -18.63
N PRO B 164 22.93 8.19 -19.81
CA PRO B 164 23.91 7.15 -20.08
C PRO B 164 25.12 7.16 -19.18
N GLY B 165 25.39 5.96 -18.67
CA GLY B 165 26.56 5.69 -17.82
C GLY B 165 26.58 6.44 -16.50
N LEU B 166 25.37 6.77 -16.04
CA LEU B 166 25.20 7.56 -14.80
C LEU B 166 25.65 6.76 -13.58
N GLY B 167 25.19 5.53 -13.56
CA GLY B 167 25.47 4.56 -12.49
C GLY B 167 26.95 4.30 -12.32
N ALA B 168 27.59 4.02 -13.45
CA ALA B 168 29.03 3.73 -13.51
C ALA B 168 29.86 4.90 -13.01
N LEU B 169 29.33 6.10 -13.21
CA LEU B 169 30.03 7.36 -12.82
C LEU B 169 29.82 7.74 -11.36
N ILE B 170 28.62 7.43 -10.87
CA ILE B 170 28.27 7.66 -9.44
C ILE B 170 29.17 6.79 -8.58
N ARG B 171 29.31 5.55 -9.03
CA ARG B 171 30.17 4.57 -8.36
C ARG B 171 31.58 5.14 -8.21
N ARG B 172 32.10 5.66 -9.31
CA ARG B 172 33.49 6.22 -9.34
C ARG B 172 33.63 7.38 -8.37
N ALA B 173 32.66 8.27 -8.45
CA ALA B 173 32.61 9.47 -7.58
C ALA B 173 32.45 9.11 -6.11
N MET B 174 32.01 7.89 -5.86
CA MET B 174 31.81 7.36 -4.49
C MET B 174 32.95 6.44 -4.05
N SER B 175 34.03 6.48 -4.81
CA SER B 175 35.20 5.59 -4.59
C SER B 175 35.65 5.59 -3.15
N LYS B 176 35.71 6.79 -2.60
CA LYS B 176 36.12 7.02 -1.19
C LYS B 176 35.20 6.31 -0.21
N ASP B 177 33.94 6.19 -0.61
CA ASP B 177 32.88 5.57 0.21
C ASP B 177 32.95 4.05 0.14
N TYR B 178 33.30 3.57 -1.04
CA TYR B 178 33.53 2.14 -1.29
C TYR B 178 34.77 1.65 -0.54
N GLU B 179 35.85 2.39 -0.73
CA GLU B 179 37.19 2.05 -0.16
C GLU B 179 37.20 2.02 1.38
N ARG B 180 36.35 2.84 1.98
CA ARG B 180 36.24 2.97 3.45
C ARG B 180 35.57 1.77 4.11
N HIS B 181 34.52 1.30 3.45
CA HIS B 181 33.77 0.09 3.87
C HIS B 181 34.31 -1.17 3.24
N GLY B 182 35.50 -1.06 2.69
CA GLY B 182 36.24 -2.20 2.14
C GLY B 182 35.49 -3.03 1.12
N VAL B 183 34.96 -2.33 0.12
CA VAL B 183 34.19 -2.96 -0.97
C VAL B 183 34.94 -2.93 -2.30
N THR B 184 35.50 -4.07 -2.65
CA THR B 184 36.38 -4.21 -3.85
C THR B 184 35.68 -4.78 -5.08
N GLY B 185 34.53 -5.38 -4.81
CA GLY B 185 33.75 -6.14 -5.81
C GLY B 185 32.46 -5.55 -6.33
N GLU B 186 31.87 -6.32 -7.24
CA GLU B 186 30.64 -5.94 -7.96
C GLU B 186 29.45 -6.73 -7.43
N PRO B 187 28.24 -6.14 -7.41
CA PRO B 187 27.12 -7.01 -7.07
C PRO B 187 27.08 -8.21 -8.02
N THR B 188 26.46 -9.26 -7.53
CA THR B 188 26.48 -10.56 -8.27
C THR B 188 25.73 -10.43 -9.60
N GLY B 189 24.52 -9.92 -9.48
CA GLY B 189 23.63 -9.72 -10.63
C GLY B 189 23.31 -8.25 -10.83
N SER B 190 22.99 -7.90 -12.08
CA SER B 190 22.59 -6.52 -12.41
C SER B 190 21.45 -6.46 -13.40
N VAL B 191 20.27 -6.65 -12.85
CA VAL B 191 19.03 -6.57 -13.65
C VAL B 191 18.58 -5.13 -13.75
N ARG B 192 18.22 -4.76 -14.96
CA ARG B 192 17.61 -3.46 -15.23
C ARG B 192 16.15 -3.64 -15.59
N LEU B 193 15.30 -3.00 -14.82
CA LEU B 193 13.85 -2.97 -15.17
C LEU B 193 13.54 -1.78 -16.05
N THR B 194 12.52 -1.97 -16.88
CA THR B 194 11.98 -0.88 -17.69
C THR B 194 10.45 -0.90 -17.75
N THR B 195 9.87 0.26 -17.49
CA THR B 195 8.42 0.46 -17.57
C THR B 195 8.02 1.21 -18.84
N THR B 196 9.03 1.55 -19.63
CA THR B 196 8.84 2.20 -20.95
C THR B 196 8.40 1.20 -22.03
N PRO B 197 7.29 1.47 -22.71
CA PRO B 197 6.83 0.60 -23.79
C PRO B 197 7.72 0.73 -25.01
N PRO B 198 7.76 -0.32 -25.87
CA PRO B 198 8.70 -0.40 -26.98
C PRO B 198 8.66 0.75 -27.98
N SER B 199 7.46 1.30 -28.18
CA SER B 199 7.28 2.35 -29.23
C SER B 199 7.85 3.68 -28.77
N VAL B 200 7.75 3.92 -27.47
CA VAL B 200 8.36 5.11 -26.83
C VAL B 200 9.87 4.97 -26.82
N GLU B 201 10.26 3.76 -26.45
CA GLU B 201 11.68 3.34 -26.40
C GLU B 201 12.40 3.61 -27.73
N ALA B 202 11.72 3.24 -28.81
CA ALA B 202 12.24 3.42 -30.19
C ALA B 202 12.53 4.88 -30.55
N LEU B 203 11.73 5.75 -29.97
CA LEU B 203 11.79 7.23 -30.23
C LEU B 203 12.83 7.96 -29.37
N LEU B 204 13.44 7.23 -28.46
CA LEU B 204 14.53 7.78 -27.64
C LEU B 204 15.84 7.71 -28.43
N PRO B 205 16.79 8.61 -28.15
CA PRO B 205 18.10 8.46 -28.75
C PRO B 205 18.78 7.16 -28.33
N GLU B 206 19.56 6.62 -29.25
CA GLU B 206 20.16 5.27 -29.08
C GLU B 206 20.87 5.07 -27.74
N ASP B 207 21.66 6.06 -27.39
CA ASP B 207 22.48 6.02 -26.14
C ASP B 207 21.67 6.09 -24.85
N ARG B 208 20.38 6.38 -25.01
CA ARG B 208 19.39 6.45 -23.88
C ARG B 208 18.47 5.23 -23.82
N ARG B 209 18.68 4.34 -24.76
CA ARG B 209 17.94 3.07 -24.82
C ARG B 209 18.60 2.06 -23.90
N SER B 210 17.76 1.35 -23.16
CA SER B 210 18.20 0.24 -22.28
C SER B 210 17.78 -1.15 -22.82
N PRO B 211 18.57 -1.72 -23.75
CA PRO B 211 18.22 -3.02 -24.26
C PRO B 211 18.65 -4.12 -23.32
N GLY B 212 17.94 -5.23 -23.41
CA GLY B 212 18.16 -6.39 -22.54
C GLY B 212 17.56 -6.22 -21.16
N ALA B 213 16.94 -5.06 -20.96
CA ALA B 213 16.18 -4.75 -19.75
C ALA B 213 14.86 -5.51 -19.67
N TRP B 214 14.54 -5.96 -18.48
CA TRP B 214 13.26 -6.66 -18.19
C TRP B 214 12.10 -5.73 -18.22
N PRO B 215 11.15 -5.96 -19.12
CA PRO B 215 10.02 -5.07 -19.13
C PRO B 215 9.04 -5.39 -18.04
N MET B 216 8.63 -4.32 -17.39
CA MET B 216 7.57 -4.33 -16.37
C MET B 216 6.54 -3.27 -16.71
N ARG B 217 5.29 -3.68 -16.60
CA ARG B 217 4.17 -2.77 -16.88
C ARG B 217 4.22 -1.61 -15.91
N TYR B 218 4.04 -0.42 -16.47
CA TYR B 218 3.88 0.78 -15.64
C TYR B 218 2.49 0.80 -15.01
N VAL B 219 2.47 0.73 -13.70
CA VAL B 219 1.23 0.78 -12.91
C VAL B 219 1.22 2.06 -12.05
N PRO B 220 0.36 3.03 -12.40
CA PRO B 220 0.44 4.26 -11.66
C PRO B 220 0.29 4.03 -10.19
N TYR B 221 1.16 4.68 -9.44
CA TYR B 221 0.97 4.87 -8.00
C TYR B 221 1.31 6.28 -7.59
N ASN B 222 0.32 6.91 -7.01
CA ASN B 222 0.39 8.36 -6.68
C ASN B 222 0.10 8.65 -5.21
N GLY B 223 -0.26 7.60 -4.50
CA GLY B 223 -0.72 7.72 -3.13
C GLY B 223 -2.17 7.28 -3.02
N GLY B 224 -2.55 6.91 -1.82
CA GLY B 224 -3.91 6.46 -1.56
C GLY B 224 -4.71 7.66 -1.12
N ALA B 225 -6.01 7.56 -1.32
CA ALA B 225 -6.91 8.67 -0.99
C ALA B 225 -8.32 8.26 -0.62
N VAL B 226 -8.93 9.09 0.22
CA VAL B 226 -10.39 9.10 0.34
C VAL B 226 -10.92 10.02 -0.77
N LEU B 227 -11.41 9.38 -1.83
CA LEU B 227 -11.83 10.06 -3.09
C LEU B 227 -13.08 10.94 -2.92
N PRO B 228 -13.08 12.15 -3.51
CA PRO B 228 -14.16 13.09 -3.34
C PRO B 228 -15.41 12.82 -4.17
N ASP B 229 -16.46 13.53 -3.76
CA ASP B 229 -17.83 13.47 -4.32
C ASP B 229 -17.92 13.64 -5.82
N TRP B 230 -17.13 14.58 -6.28
CA TRP B 230 -17.28 15.14 -7.65
C TRP B 230 -16.50 14.39 -8.70
N LEU B 231 -15.61 13.54 -8.23
CA LEU B 231 -14.76 12.71 -9.12
C LEU B 231 -15.56 11.99 -10.22
N PRO B 232 -16.65 11.29 -9.85
CA PRO B 232 -17.39 10.63 -10.93
C PRO B 232 -17.91 11.64 -11.94
N PRO B 233 -17.56 11.43 -13.21
CA PRO B 233 -17.85 12.40 -14.23
C PRO B 233 -19.29 12.39 -14.68
N ALA B 234 -19.80 13.61 -14.85
CA ALA B 234 -21.15 13.85 -15.37
C ALA B 234 -21.35 13.31 -16.78
N ALA B 235 -22.62 13.10 -17.12
CA ALA B 235 -23.02 12.61 -18.46
C ALA B 235 -22.68 13.61 -19.58
N GLY B 236 -21.87 13.12 -20.52
CA GLY B 236 -21.51 13.88 -21.74
C GLY B 236 -20.73 15.14 -21.50
N ARG B 237 -20.12 15.19 -20.32
CA ARG B 237 -19.33 16.36 -19.90
C ARG B 237 -17.84 16.01 -19.88
N ARG B 238 -17.15 16.58 -20.85
CA ARG B 238 -15.72 16.33 -20.99
C ARG B 238 -14.90 17.05 -19.95
N ARG B 239 -13.75 16.47 -19.69
CA ARG B 239 -12.87 16.87 -18.57
C ARG B 239 -11.40 16.88 -18.93
N ILE B 240 -10.77 17.99 -18.58
CA ILE B 240 -9.33 18.17 -18.77
C ILE B 240 -8.63 18.38 -17.43
N ALA B 241 -7.69 17.49 -17.16
CA ALA B 241 -6.77 17.62 -16.02
C ALA B 241 -5.67 18.61 -16.33
N VAL B 242 -5.44 19.49 -15.38
CA VAL B 242 -4.29 20.40 -15.42
C VAL B 242 -3.44 20.22 -14.19
N THR B 243 -2.17 19.89 -14.40
CA THR B 243 -1.21 19.66 -13.30
C THR B 243 0.24 20.08 -13.54
N LEU B 244 0.85 20.65 -12.51
CA LEU B 244 2.29 21.04 -12.55
C LEU B 244 3.19 20.14 -11.70
N GLY B 245 2.55 19.22 -11.00
CA GLY B 245 3.22 18.22 -10.15
C GLY B 245 3.41 18.55 -8.68
N SER B 246 4.09 17.61 -8.03
CA SER B 246 4.40 17.69 -6.57
C SER B 246 5.42 18.80 -6.30
N ILE B 247 6.23 19.01 -7.32
CA ILE B 247 7.15 20.15 -7.39
C ILE B 247 6.94 20.84 -8.73
N ASP B 248 7.28 22.13 -8.72
CA ASP B 248 7.34 23.03 -9.91
C ASP B 248 6.28 24.12 -9.83
N ALA B 249 5.26 23.81 -9.04
CA ALA B 249 4.15 24.72 -8.74
C ALA B 249 4.49 25.65 -7.58
N LEU B 250 5.61 25.34 -6.93
CA LEU B 250 6.03 26.10 -5.74
C LEU B 250 6.76 27.39 -6.06
N SER B 251 6.76 28.24 -5.05
CA SER B 251 7.59 29.46 -5.01
C SER B 251 7.50 30.26 -6.30
N GLY B 252 6.28 30.61 -6.65
CA GLY B 252 6.02 31.56 -7.77
C GLY B 252 6.12 30.94 -9.14
N GLY B 253 5.48 29.78 -9.25
CA GLY B 253 5.46 28.92 -10.45
C GLY B 253 4.07 28.54 -10.97
N ILE B 254 3.05 28.96 -10.24
CA ILE B 254 1.63 28.74 -10.61
C ILE B 254 1.21 29.81 -11.63
N ALA B 255 1.97 30.90 -11.58
CA ALA B 255 1.82 32.06 -12.46
C ALA B 255 1.76 31.66 -13.93
N LYS B 256 2.58 30.66 -14.26
CA LYS B 256 2.64 30.05 -15.61
C LYS B 256 1.29 29.85 -16.29
N LEU B 257 0.31 29.45 -15.49
CA LEU B 257 -1.01 29.03 -16.04
C LEU B 257 -2.05 30.15 -16.16
N ALA B 258 -1.63 31.38 -15.85
CA ALA B 258 -2.55 32.53 -15.89
C ALA B 258 -3.20 32.76 -17.28
N PRO B 259 -2.40 32.70 -18.37
CA PRO B 259 -2.99 32.83 -19.70
C PRO B 259 -4.02 31.75 -20.00
N LEU B 260 -3.68 30.53 -19.65
CA LEU B 260 -4.57 29.37 -19.86
C LEU B 260 -5.95 29.63 -19.25
N PHE B 261 -5.96 29.90 -17.95
CA PHE B 261 -7.22 30.09 -17.17
C PHE B 261 -7.99 31.36 -17.54
N SER B 262 -7.32 32.21 -18.30
CA SER B 262 -7.96 33.42 -18.87
C SER B 262 -8.71 33.15 -20.17
N GLU B 263 -8.66 31.90 -20.62
CA GLU B 263 -9.32 31.46 -21.89
C GLU B 263 -10.18 30.20 -21.79
N VAL B 264 -10.05 29.50 -20.68
CA VAL B 264 -10.74 28.19 -20.48
C VAL B 264 -12.25 28.31 -20.36
N ALA B 265 -12.69 29.52 -20.03
CA ALA B 265 -14.13 29.82 -19.88
C ALA B 265 -14.85 29.61 -21.23
N ASP B 266 -14.07 29.78 -22.29
CA ASP B 266 -14.54 29.66 -23.69
C ASP B 266 -14.66 28.21 -24.13
N VAL B 267 -14.07 27.34 -23.34
CA VAL B 267 -13.96 25.93 -23.69
C VAL B 267 -15.13 25.14 -23.11
N ASP B 268 -15.78 24.40 -23.99
CA ASP B 268 -16.96 23.58 -23.60
C ASP B 268 -16.50 22.30 -22.91
N ALA B 269 -15.95 22.51 -21.73
CA ALA B 269 -15.46 21.42 -20.89
C ALA B 269 -15.21 21.84 -19.45
N GLU B 270 -14.99 20.82 -18.63
CA GLU B 270 -14.66 20.98 -17.21
C GLU B 270 -13.14 20.83 -17.00
N PHE B 271 -12.57 21.75 -16.25
CA PHE B 271 -11.15 21.69 -15.91
C PHE B 271 -10.92 21.38 -14.44
N VAL B 272 -10.05 20.40 -14.23
CA VAL B 272 -9.61 19.99 -12.87
C VAL B 272 -8.12 20.34 -12.65
N LEU B 273 -7.92 21.35 -11.82
CA LEU B 273 -6.56 21.83 -11.44
C LEU B 273 -6.09 21.32 -10.08
N THR B 274 -4.92 20.70 -10.14
CA THR B 274 -4.24 20.22 -8.93
C THR B 274 -3.12 21.17 -8.57
N LEU B 275 -3.24 21.78 -7.39
CA LEU B 275 -2.28 22.84 -6.95
C LEU B 275 -0.89 22.33 -6.59
N GLY B 276 -0.86 21.21 -5.89
CA GLY B 276 0.38 20.59 -5.41
C GLY B 276 1.31 21.55 -4.66
N GLY B 277 0.69 22.53 -4.02
CA GLY B 277 1.41 23.48 -3.13
C GLY B 277 1.45 24.92 -3.62
N GLY B 278 1.27 25.05 -4.93
CA GLY B 278 1.22 26.36 -5.61
C GLY B 278 0.24 27.32 -4.98
N ASP B 279 0.58 28.60 -5.06
CA ASP B 279 -0.28 29.68 -4.51
C ASP B 279 -1.45 29.95 -5.44
N LEU B 280 -2.64 29.66 -4.93
CA LEU B 280 -3.90 29.76 -5.70
C LEU B 280 -4.18 31.18 -6.16
N ALA B 281 -4.03 32.07 -5.21
CA ALA B 281 -4.33 33.52 -5.36
C ALA B 281 -3.61 34.16 -6.55
N LEU B 282 -2.57 33.49 -6.99
CA LEU B 282 -1.72 34.01 -8.09
C LEU B 282 -2.39 34.00 -9.46
N LEU B 283 -3.25 33.02 -9.65
CA LEU B 283 -4.08 32.93 -10.89
C LEU B 283 -5.16 34.01 -10.84
N GLY B 284 -5.64 34.20 -9.63
CA GLY B 284 -6.44 35.37 -9.22
C GLY B 284 -7.95 35.23 -9.35
N GLU B 285 -8.38 35.13 -10.59
CA GLU B 285 -9.81 34.95 -10.89
C GLU B 285 -10.00 33.76 -11.80
N LEU B 286 -10.90 32.88 -11.37
CA LEU B 286 -11.13 31.59 -12.05
C LEU B 286 -12.53 31.47 -12.66
N PRO B 287 -12.65 30.81 -13.82
CA PRO B 287 -13.99 30.63 -14.29
C PRO B 287 -14.73 29.54 -13.59
N ALA B 288 -16.03 29.56 -13.78
CA ALA B 288 -16.97 28.59 -13.21
C ALA B 288 -16.62 27.14 -13.56
N ASN B 289 -16.09 26.95 -14.75
CA ASN B 289 -15.82 25.58 -15.26
C ASN B 289 -14.46 25.01 -14.83
N VAL B 290 -13.84 25.72 -13.90
CA VAL B 290 -12.58 25.27 -13.26
C VAL B 290 -12.79 24.89 -11.80
N ARG B 291 -12.49 23.62 -11.54
CA ARG B 291 -12.42 23.06 -10.16
C ARG B 291 -10.98 22.91 -9.64
N VAL B 292 -10.79 23.35 -8.41
CA VAL B 292 -9.48 23.35 -7.74
C VAL B 292 -9.42 22.38 -6.56
N VAL B 293 -8.42 21.53 -6.61
CA VAL B 293 -8.12 20.62 -5.50
C VAL B 293 -6.63 20.65 -5.21
N GLU B 294 -6.29 20.57 -3.94
CA GLU B 294 -4.87 20.63 -3.54
C GLU B 294 -4.12 19.45 -4.13
N TRP B 295 -4.59 18.27 -3.75
CA TRP B 295 -4.04 17.02 -4.25
C TRP B 295 -5.10 15.97 -4.49
N ILE B 296 -4.83 15.14 -5.49
CA ILE B 296 -5.68 13.97 -5.87
C ILE B 296 -4.86 12.96 -6.68
N PRO B 297 -4.99 11.65 -6.40
CA PRO B 297 -4.16 10.73 -7.14
C PRO B 297 -4.40 10.77 -8.64
N LEU B 298 -3.31 10.93 -9.38
CA LEU B 298 -3.38 11.24 -10.82
C LEU B 298 -4.09 10.14 -11.60
N GLY B 299 -3.79 8.89 -11.25
CA GLY B 299 -4.38 7.73 -11.92
C GLY B 299 -5.90 7.77 -11.82
N ALA B 300 -6.36 8.00 -10.60
CA ALA B 300 -7.79 8.11 -10.29
C ALA B 300 -8.46 9.27 -11.02
N LEU B 301 -7.71 10.35 -11.18
CA LEU B 301 -8.23 11.56 -11.87
C LEU B 301 -8.40 11.33 -13.38
N LEU B 302 -7.38 10.71 -13.95
CA LEU B 302 -7.28 10.54 -15.42
C LEU B 302 -8.23 9.46 -15.95
N GLU B 303 -8.66 8.61 -15.04
CA GLU B 303 -9.65 7.55 -15.35
C GLU B 303 -10.95 8.19 -15.83
N THR B 304 -11.18 9.39 -15.30
CA THR B 304 -12.40 10.19 -15.58
C THR B 304 -12.17 11.41 -16.47
N CYS B 305 -10.95 11.54 -16.95
CA CYS B 305 -10.52 12.65 -17.80
C CYS B 305 -10.40 12.29 -19.28
N ASP B 306 -10.56 13.31 -20.11
CA ASP B 306 -10.42 13.15 -21.59
C ASP B 306 -9.07 13.56 -22.13
N ALA B 307 -8.39 14.38 -21.36
CA ALA B 307 -7.06 14.89 -21.74
C ALA B 307 -6.34 15.50 -20.57
N ILE B 308 -5.08 15.84 -20.83
CA ILE B 308 -4.19 16.39 -19.79
C ILE B 308 -3.21 17.45 -20.29
N ILE B 309 -3.15 18.53 -19.52
CA ILE B 309 -2.13 19.56 -19.68
C ILE B 309 -1.18 19.51 -18.49
N HIS B 310 0.10 19.32 -18.78
CA HIS B 310 1.12 19.24 -17.71
C HIS B 310 2.50 19.84 -18.00
N HIS B 311 3.38 19.57 -17.06
CA HIS B 311 4.71 20.22 -16.95
C HIS B 311 5.84 19.38 -17.48
N GLY B 312 5.52 18.13 -17.76
CA GLY B 312 6.50 17.17 -18.33
C GLY B 312 7.08 16.19 -17.32
N GLY B 313 6.39 16.09 -16.21
CA GLY B 313 6.72 15.11 -15.17
C GLY B 313 6.77 13.70 -15.74
N SER B 314 7.77 12.94 -15.28
CA SER B 314 8.03 11.59 -15.85
C SER B 314 6.96 10.59 -15.40
N GLY B 315 6.52 10.76 -14.17
CA GLY B 315 5.42 9.97 -13.59
C GLY B 315 4.06 10.41 -14.12
N THR B 316 3.97 11.70 -14.39
CA THR B 316 2.77 12.30 -15.00
C THR B 316 2.57 11.81 -16.44
N LEU B 317 3.68 11.75 -17.16
CA LEU B 317 3.69 11.31 -18.57
C LEU B 317 3.24 9.86 -18.76
N LEU B 318 3.90 8.97 -18.04
CA LEU B 318 3.60 7.51 -18.10
C LEU B 318 2.19 7.19 -17.62
N THR B 319 1.75 7.93 -16.61
CA THR B 319 0.39 7.78 -16.04
C THR B 319 -0.67 8.11 -17.09
N ALA B 320 -0.37 9.17 -17.82
CA ALA B 320 -1.25 9.71 -18.86
C ALA B 320 -1.32 8.74 -20.04
N LEU B 321 -0.16 8.22 -20.36
CA LEU B 321 -0.02 7.18 -21.42
C LEU B 321 -0.89 5.99 -21.06
N ALA B 322 -0.72 5.57 -19.82
CA ALA B 322 -1.46 4.42 -19.23
C ALA B 322 -2.97 4.64 -19.27
N ALA B 323 -3.36 5.89 -19.06
CA ALA B 323 -4.78 6.32 -19.11
C ALA B 323 -5.30 6.37 -20.56
N GLY B 324 -4.38 6.33 -21.50
CA GLY B 324 -4.71 6.38 -22.94
C GLY B 324 -5.41 7.66 -23.29
N VAL B 325 -4.67 8.73 -23.13
CA VAL B 325 -5.22 10.08 -23.03
C VAL B 325 -4.28 11.12 -23.66
N PRO B 326 -4.82 12.01 -24.52
CA PRO B 326 -3.96 12.97 -25.19
C PRO B 326 -3.32 13.93 -24.23
N GLN B 327 -2.14 14.38 -24.62
CA GLN B 327 -1.27 15.16 -23.71
C GLN B 327 -0.79 16.46 -24.31
N CYS B 328 -0.79 17.46 -23.46
CA CYS B 328 -0.15 18.76 -23.75
C CYS B 328 0.89 19.12 -22.72
N VAL B 329 2.09 19.38 -23.19
CA VAL B 329 3.22 19.59 -22.30
C VAL B 329 3.80 20.99 -22.35
N ILE B 330 3.99 21.50 -21.15
CA ILE B 330 4.68 22.77 -20.90
C ILE B 330 6.16 22.49 -20.59
N PRO B 331 7.06 23.00 -21.44
CA PRO B 331 8.49 22.80 -21.25
C PRO B 331 9.11 23.74 -20.25
N HIS B 332 10.17 23.26 -19.64
CA HIS B 332 11.02 24.10 -18.81
C HIS B 332 11.95 24.77 -19.75
N GLY B 333 12.32 26.00 -19.43
CA GLY B 333 13.27 26.77 -20.26
C GLY B 333 14.70 26.52 -19.83
N SER B 334 14.82 25.74 -18.78
CA SER B 334 16.09 25.50 -18.06
C SER B 334 16.82 24.27 -18.53
N TYR B 335 16.04 23.35 -19.09
CA TYR B 335 16.57 22.06 -19.59
C TYR B 335 15.79 21.44 -20.75
N GLN B 336 16.54 20.78 -21.61
CA GLN B 336 16.00 20.24 -22.88
C GLN B 336 15.61 18.79 -22.74
N ASP B 337 14.48 18.57 -22.09
CA ASP B 337 13.94 17.22 -21.98
C ASP B 337 13.82 16.61 -23.38
N THR B 338 13.50 15.33 -23.39
CA THR B 338 13.31 14.54 -24.64
C THR B 338 11.85 14.23 -24.97
N ASN B 339 10.99 14.74 -24.11
CA ASN B 339 9.55 14.42 -24.15
C ASN B 339 8.81 14.94 -25.38
N ARG B 340 9.30 16.01 -25.96
CA ARG B 340 8.60 16.64 -27.10
C ARG B 340 8.53 15.66 -28.27
N ASP B 341 9.67 15.08 -28.55
CA ASP B 341 9.85 14.18 -29.71
C ASP B 341 9.03 12.91 -29.60
N VAL B 342 8.88 12.47 -28.36
CA VAL B 342 8.09 11.27 -28.07
C VAL B 342 6.62 11.52 -28.43
N LEU B 343 6.10 12.60 -27.86
CA LEU B 343 4.67 12.98 -28.05
C LEU B 343 4.36 13.22 -29.52
N THR B 344 5.30 13.93 -30.14
CA THR B 344 5.19 14.27 -31.57
C THR B 344 5.30 13.02 -32.39
N GLY B 345 6.36 12.29 -32.10
CA GLY B 345 6.73 11.06 -32.83
C GLY B 345 5.61 10.05 -32.83
N LEU B 346 5.05 9.85 -31.64
CA LEU B 346 3.91 8.93 -31.44
C LEU B 346 2.60 9.53 -31.91
N GLY B 347 2.55 10.85 -31.89
CA GLY B 347 1.36 11.62 -32.31
C GLY B 347 0.24 11.54 -31.30
N ILE B 348 0.64 11.40 -30.05
CA ILE B 348 -0.29 11.32 -28.90
C ILE B 348 -0.51 12.68 -28.26
N GLY B 349 0.37 13.60 -28.63
CA GLY B 349 0.35 14.95 -28.08
C GLY B 349 1.28 15.94 -28.75
N PHE B 350 1.41 17.07 -28.07
CA PHE B 350 2.18 18.20 -28.58
C PHE B 350 2.66 19.11 -27.47
N ASP B 351 3.57 20.00 -27.82
CA ASP B 351 4.09 20.99 -26.85
C ASP B 351 3.42 22.36 -27.02
N ALA B 352 3.49 23.14 -25.95
CA ALA B 352 2.97 24.52 -25.91
C ALA B 352 3.57 25.41 -24.82
N GLU B 353 4.10 26.54 -25.24
CA GLU B 353 4.66 27.54 -24.30
C GLU B 353 3.54 28.12 -23.46
N ALA B 354 3.83 28.26 -22.17
CA ALA B 354 2.83 28.71 -21.16
C ALA B 354 2.15 30.01 -21.54
N GLY B 355 2.95 30.91 -22.09
CA GLY B 355 2.49 32.25 -22.48
C GLY B 355 1.49 32.24 -23.63
N SER B 356 1.60 31.21 -24.45
CA SER B 356 0.76 31.08 -25.66
C SER B 356 -0.17 29.86 -25.60
N LEU B 357 -0.51 29.51 -24.36
CA LEU B 357 -1.39 28.36 -24.08
C LEU B 357 -2.78 28.84 -23.74
N GLY B 358 -3.74 28.39 -24.55
CA GLY B 358 -5.15 28.79 -24.40
C GLY B 358 -6.19 27.83 -24.94
N ALA B 359 -7.35 28.41 -25.27
CA ALA B 359 -8.52 27.66 -25.75
C ALA B 359 -8.22 26.79 -26.98
N GLU B 360 -7.34 27.32 -27.81
CA GLU B 360 -6.94 26.66 -29.09
C GLU B 360 -6.47 25.23 -28.82
N GLN B 361 -5.55 25.13 -27.86
CA GLN B 361 -4.88 23.87 -27.53
C GLN B 361 -5.85 22.88 -26.89
N CYS B 362 -6.71 23.42 -26.05
CA CYS B 362 -7.71 22.60 -25.34
C CYS B 362 -8.63 21.91 -26.33
N ARG B 363 -9.03 22.70 -27.31
CA ARG B 363 -9.96 22.22 -28.35
C ARG B 363 -9.29 21.13 -29.16
N ARG B 364 -8.01 21.39 -29.41
CA ARG B 364 -7.15 20.47 -30.16
CA ARG B 364 -7.13 20.46 -30.16
C ARG B 364 -7.04 19.14 -29.43
N LEU B 365 -6.82 19.24 -28.13
CA LEU B 365 -6.74 18.05 -27.22
C LEU B 365 -7.99 17.19 -27.30
N LEU B 366 -9.12 17.86 -27.21
CA LEU B 366 -10.44 17.17 -27.07
C LEU B 366 -11.05 16.62 -28.37
N ASP B 367 -10.67 17.22 -29.48
CA ASP B 367 -11.33 16.96 -30.80
C ASP B 367 -10.48 16.27 -31.89
N ASP B 368 -9.17 16.52 -31.83
CA ASP B 368 -8.21 15.91 -32.75
C ASP B 368 -8.18 14.38 -32.57
N ALA B 369 -8.78 13.71 -33.54
CA ALA B 369 -9.01 12.23 -33.53
C ALA B 369 -7.71 11.43 -33.45
N GLY B 370 -6.70 11.95 -34.13
CA GLY B 370 -5.39 11.29 -34.26
C GLY B 370 -4.66 11.18 -32.94
N LEU B 371 -4.83 12.21 -32.13
CA LEU B 371 -4.20 12.28 -30.79
C LEU B 371 -4.75 11.19 -29.90
N ARG B 372 -6.04 10.99 -30.01
CA ARG B 372 -6.78 10.02 -29.17
C ARG B 372 -6.45 8.58 -29.54
N GLU B 373 -6.42 8.33 -30.84
CA GLU B 373 -6.16 6.96 -31.37
C GLU B 373 -4.76 6.50 -31.04
N ALA B 374 -3.83 7.42 -31.21
CA ALA B 374 -2.41 7.19 -30.88
C ALA B 374 -2.24 6.94 -29.38
N ALA B 375 -2.93 7.76 -28.60
CA ALA B 375 -2.87 7.67 -27.13
C ALA B 375 -3.36 6.28 -26.74
N LEU B 376 -4.47 5.90 -27.34
CA LEU B 376 -5.12 4.58 -27.11
C LEU B 376 -4.22 3.41 -27.52
N ARG B 377 -3.58 3.62 -28.66
CA ARG B 377 -2.64 2.65 -29.27
C ARG B 377 -1.49 2.27 -28.31
N VAL B 378 -0.93 3.31 -27.70
CA VAL B 378 0.21 3.16 -26.77
C VAL B 378 -0.22 2.53 -25.44
N ARG B 379 -1.43 2.89 -25.03
CA ARG B 379 -2.06 2.30 -23.84
C ARG B 379 -2.14 0.79 -23.99
N GLN B 380 -2.56 0.39 -25.17
CA GLN B 380 -2.72 -1.06 -25.51
C GLN B 380 -1.39 -1.78 -25.40
N GLU B 381 -0.38 -1.10 -25.90
CA GLU B 381 1.01 -1.59 -25.85
C GLU B 381 1.51 -1.78 -24.41
N MET B 382 1.20 -0.80 -23.59
CA MET B 382 1.56 -0.84 -22.15
C MET B 382 0.90 -1.99 -21.39
N SER B 383 -0.32 -2.27 -21.76
CA SER B 383 -1.11 -3.33 -21.10
C SER B 383 -0.65 -4.74 -21.48
N GLU B 384 0.14 -4.80 -22.54
CA GLU B 384 0.72 -6.09 -23.02
C GLU B 384 2.04 -6.46 -22.32
N MET B 385 2.58 -5.49 -21.61
CA MET B 385 3.80 -5.69 -20.81
C MET B 385 3.43 -6.41 -19.52
N PRO B 386 4.35 -7.27 -19.00
CA PRO B 386 4.14 -8.02 -17.79
C PRO B 386 3.91 -7.13 -16.58
N PRO B 387 2.90 -7.44 -15.78
CA PRO B 387 2.57 -6.67 -14.61
C PRO B 387 3.63 -6.84 -13.53
N PRO B 388 3.66 -5.97 -12.52
CA PRO B 388 4.61 -6.09 -11.43
C PRO B 388 4.58 -7.41 -10.67
N ALA B 389 3.40 -8.01 -10.59
CA ALA B 389 3.22 -9.34 -9.93
C ALA B 389 4.09 -10.43 -10.57
N GLU B 390 4.17 -10.36 -11.89
CA GLU B 390 4.94 -11.31 -12.71
C GLU B 390 6.44 -11.05 -12.58
N THR B 391 6.75 -9.78 -12.57
CA THR B 391 8.14 -9.33 -12.45
C THR B 391 8.70 -9.74 -11.08
N ALA B 392 7.85 -9.66 -10.06
CA ALA B 392 8.21 -10.05 -8.68
C ALA B 392 8.57 -11.54 -8.61
N ALA B 393 7.79 -12.34 -9.30
CA ALA B 393 8.02 -13.80 -9.37
C ALA B 393 9.39 -14.10 -9.96
N LYS B 394 9.68 -13.37 -11.03
CA LYS B 394 10.95 -13.49 -11.77
C LYS B 394 12.14 -13.21 -10.85
N LEU B 395 11.99 -12.20 -10.02
CA LEU B 395 13.06 -11.79 -9.06
C LEU B 395 13.28 -12.82 -7.96
N VAL B 396 12.17 -13.41 -7.51
CA VAL B 396 12.19 -14.41 -6.42
C VAL B 396 13.05 -15.62 -6.79
N ALA B 397 12.99 -15.96 -8.07
CA ALA B 397 13.81 -17.02 -8.67
C ALA B 397 15.29 -16.61 -8.79
N LEU B 398 15.50 -15.39 -9.24
CA LEU B 398 16.86 -14.81 -9.39
C LEU B 398 17.66 -14.80 -8.09
N ALA B 399 16.96 -14.51 -7.01
CA ALA B 399 17.58 -14.41 -5.68
C ALA B 399 17.56 -15.74 -4.95
N GLY B 400 16.46 -16.46 -5.14
CA GLY B 400 16.22 -17.75 -4.47
C GLY B 400 17.17 -18.85 -4.91
N1 DUD C . 0.51 13.83 -8.24
C2 DUD C . -0.85 13.43 -8.06
N3 DUD C . -1.77 14.35 -7.81
C4 DUD C . -1.45 15.66 -7.73
C5 DUD C . -0.13 16.08 -7.90
C6 DUD C . 0.85 15.12 -8.16
O2 DUD C . -1.16 12.21 -8.14
O4 DUD C . -2.35 16.50 -7.48
C1' DUD C . 1.49 12.77 -8.52
C2' DUD C . 1.42 12.31 -9.97
C3' DUD C . 2.86 11.95 -10.28
C4' DUD C . 3.72 12.57 -9.17
O4' DUD C . 2.82 13.22 -8.27
O3' DUD C . 2.98 10.52 -10.30
C5' DUD C . 4.75 13.59 -9.66
O5' DUD C . 4.91 13.52 -11.07
PA DUD C . 6.37 13.58 -11.74
O1A DUD C . 6.22 14.51 -12.91
O2A DUD C . 6.86 12.17 -11.96
O3A DUD C . 7.30 14.25 -10.57
PB DUD C . 7.97 15.73 -10.54
O1B DUD C . 6.92 16.56 -9.82
O2B DUD C . 8.27 16.11 -11.98
O3B DUD C . 9.22 15.50 -9.72
#